data_5XWZ
#
_entry.id   5XWZ
#
_cell.length_a   120.863
_cell.length_b   104.399
_cell.length_c   116.834
_cell.angle_alpha   90.000
_cell.angle_beta   90.000
_cell.angle_gamma   90.000
#
_symmetry.space_group_name_H-M   'P 21 21 2'
#
loop_
_entity.id
_entity.type
_entity.pdbx_description
1 polymer 'Unplaced genomic scaffold supercont1.36, whole genome shotgun sequence'
2 non-polymer 'SODIUM ION'
3 non-polymer 'MALONATE ION'
4 non-polymer GLYCEROL
5 water water
#
_entity_poly.entity_id   1
_entity_poly.type   'polypeptide(L)'
_entity_poly.pdbx_seq_one_letter_code
;HHHHHHMAPERLRSTILTKDGINWYYEQEGSGPDVVLIPDGLGDCQMFDKPMSIIGSSGFKVTTFDMPGMSRSSSAPPET
YQDVTGQKLANYIVTVMDQLGIKTASVWGCSSGASTVLALCSGFPERVRNGMPHEVPTANPENLQNIHDADPATISRDMA
AVSRAMSANEEAWDALGPEVHERLRDNYVRWAYGYPRTIPGSAATKTEDLHKVPIDWTVGAAGPTQVFFENVVIATRESI
PIKTLPGFHFPYVSHPEAFAKYVVETTRKYL
;
_entity_poly.pdbx_strand_id   A,B,C,D
#
# COMPACT_ATOMS: atom_id res chain seq x y z
N GLU A 10 33.85 -0.81 -29.52
CA GLU A 10 34.08 0.62 -29.90
C GLU A 10 33.35 1.55 -28.94
N ARG A 11 34.11 2.40 -28.29
CA ARG A 11 33.52 3.48 -27.49
C ARG A 11 33.66 4.78 -28.28
N LEU A 12 32.56 5.46 -28.59
CA LEU A 12 32.57 6.83 -29.09
C LEU A 12 32.82 7.82 -27.94
N ARG A 13 33.77 8.73 -28.11
CA ARG A 13 34.07 9.79 -27.16
C ARG A 13 34.07 11.10 -27.92
N SER A 14 33.20 12.03 -27.54
CA SER A 14 33.06 13.23 -28.33
C SER A 14 32.51 14.37 -27.48
N THR A 15 32.19 15.46 -28.15
CA THR A 15 31.64 16.62 -27.50
C THR A 15 30.52 17.23 -28.34
N ILE A 16 29.57 17.85 -27.65
CA ILE A 16 28.53 18.64 -28.33
C ILE A 16 28.28 19.89 -27.52
N LEU A 17 28.02 20.99 -28.23
CA LEU A 17 27.52 22.21 -27.59
C LEU A 17 26.02 22.25 -27.69
N THR A 18 25.33 22.20 -26.54
CA THR A 18 23.88 22.35 -26.54
C THR A 18 23.43 23.79 -26.36
N LYS A 19 22.13 23.98 -26.49
CA LYS A 19 21.57 25.34 -26.49
C LYS A 19 21.60 26.04 -25.15
N ASP A 20 21.79 25.27 -24.07
CA ASP A 20 22.05 25.86 -22.77
C ASP A 20 23.47 26.41 -22.63
N GLY A 21 24.28 26.31 -23.68
CA GLY A 21 25.64 26.83 -23.62
C GLY A 21 26.69 25.88 -23.10
N ILE A 22 26.28 24.64 -22.82
CA ILE A 22 27.16 23.64 -22.24
C ILE A 22 27.94 22.93 -23.34
N ASN A 23 29.26 22.87 -23.19
CA ASN A 23 30.04 22.03 -24.09
C ASN A 23 30.23 20.68 -23.38
N TRP A 24 29.38 19.74 -23.74
CA TRP A 24 29.35 18.45 -23.05
C TRP A 24 30.45 17.58 -23.58
N TYR A 25 31.09 16.83 -22.69
CA TYR A 25 31.86 15.67 -23.07
C TYR A 25 30.97 14.46 -22.85
N TYR A 26 30.81 13.62 -23.86
CA TYR A 26 29.98 12.42 -23.74
C TYR A 26 30.63 11.20 -24.36
N GLU A 27 30.12 10.03 -23.96
CA GLU A 27 30.56 8.76 -24.51
C GLU A 27 29.35 7.89 -24.84
N GLN A 28 29.51 7.03 -25.85
CA GLN A 28 28.51 6.05 -26.20
C GLN A 28 29.15 4.72 -26.58
N GLU A 29 28.50 3.63 -26.19
CA GLU A 29 28.98 2.31 -26.56
C GLU A 29 27.80 1.35 -26.67
N GLY A 30 27.81 0.53 -27.73
CA GLY A 30 26.87 -0.55 -27.88
C GLY A 30 25.71 -0.24 -28.81
N SER A 31 24.87 -1.25 -29.01
CA SER A 31 23.68 -1.17 -29.86
C SER A 31 22.50 -1.78 -29.14
N GLY A 32 21.32 -1.26 -29.39
CA GLY A 32 20.12 -1.73 -28.68
C GLY A 32 19.37 -0.60 -28.01
N PRO A 33 18.44 -0.94 -27.12
CA PRO A 33 17.67 0.09 -26.41
C PRO A 33 18.63 1.02 -25.65
N ASP A 34 18.25 2.27 -25.49
CA ASP A 34 19.12 3.25 -24.89
C ASP A 34 19.10 3.12 -23.39
N VAL A 35 20.30 3.17 -22.79
CA VAL A 35 20.50 3.28 -21.35
C VAL A 35 21.40 4.51 -21.11
N VAL A 36 20.97 5.43 -20.25
CA VAL A 36 21.71 6.63 -19.94
C VAL A 36 22.22 6.52 -18.51
N LEU A 37 23.51 6.76 -18.30
CA LEU A 37 24.09 6.70 -16.98
C LEU A 37 24.50 8.09 -16.55
N ILE A 38 23.75 8.66 -15.62
CA ILE A 38 24.00 10.01 -15.18
C ILE A 38 24.93 9.96 -13.97
N PRO A 39 26.04 10.71 -14.02
CA PRO A 39 26.91 10.70 -12.85
C PRO A 39 26.31 11.22 -11.55
N ASP A 40 26.95 10.83 -10.45
CA ASP A 40 26.79 11.48 -9.16
C ASP A 40 27.24 12.94 -9.24
N GLY A 41 27.10 13.65 -8.13
CA GLY A 41 27.35 15.07 -8.13
C GLY A 41 28.77 15.50 -8.52
N LEU A 42 29.75 14.61 -8.40
CA LEU A 42 31.10 14.96 -8.83
C LEU A 42 31.22 14.97 -10.36
N GLY A 43 30.27 14.34 -11.06
CA GLY A 43 30.08 14.69 -12.45
C GLY A 43 30.99 14.06 -13.49
N ASP A 44 31.71 12.99 -13.10
CA ASP A 44 32.75 12.46 -13.99
C ASP A 44 32.41 11.08 -14.49
N CYS A 45 32.19 10.95 -15.79
CA CYS A 45 31.69 9.71 -16.33
C CYS A 45 32.74 8.61 -16.53
N GLN A 46 33.98 8.89 -16.17
CA GLN A 46 34.96 7.84 -16.29
C GLN A 46 34.66 6.81 -15.20
N MET A 47 33.93 7.22 -14.16
CA MET A 47 33.55 6.26 -13.12
C MET A 47 32.68 5.12 -13.67
N PHE A 48 32.11 5.33 -14.86
CA PHE A 48 31.27 4.31 -15.49
C PHE A 48 32.02 3.42 -16.52
N ASP A 49 33.30 3.67 -16.69
CA ASP A 49 34.03 3.08 -17.84
C ASP A 49 33.91 1.55 -17.89
N LYS A 50 34.15 0.87 -16.77
CA LYS A 50 34.03 -0.59 -16.73
C LYS A 50 32.60 -1.09 -16.94
N PRO A 51 31.63 -0.59 -16.13
CA PRO A 51 30.29 -1.14 -16.32
C PRO A 51 29.64 -0.70 -17.61
N MET A 52 30.03 0.43 -18.18
CA MET A 52 29.51 0.79 -19.46
C MET A 52 29.76 -0.28 -20.54
N SER A 53 30.94 -0.89 -20.53
CA SER A 53 31.23 -1.99 -21.46
C SER A 53 30.45 -3.25 -21.20
N ILE A 54 30.19 -3.55 -19.92
CA ILE A 54 29.42 -4.73 -19.55
C ILE A 54 27.97 -4.57 -19.97
N ILE A 55 27.41 -3.39 -19.74
CA ILE A 55 26.05 -3.12 -20.11
C ILE A 55 25.93 -3.15 -21.62
N GLY A 56 26.84 -2.44 -22.28
CA GLY A 56 26.79 -2.35 -23.74
C GLY A 56 26.83 -3.75 -24.38
N SER A 57 27.64 -4.62 -23.83
CA SER A 57 27.75 -6.00 -24.31
C SER A 57 26.55 -6.88 -24.05
N SER A 58 25.60 -6.39 -23.25
CA SER A 58 24.38 -7.09 -23.00
C SER A 58 23.26 -6.74 -23.95
N GLY A 59 23.57 -5.97 -25.01
CA GLY A 59 22.56 -5.62 -25.99
C GLY A 59 21.93 -4.25 -25.81
N PHE A 60 22.66 -3.32 -25.21
CA PHE A 60 22.15 -1.96 -25.04
C PHE A 60 23.08 -0.92 -25.65
N LYS A 61 22.51 0.23 -26.01
CA LYS A 61 23.34 1.36 -26.36
C LYS A 61 23.42 2.27 -25.13
N VAL A 62 24.63 2.43 -24.62
CA VAL A 62 24.84 3.18 -23.37
C VAL A 62 25.45 4.54 -23.66
N THR A 63 24.84 5.58 -23.09
CA THR A 63 25.31 6.94 -23.21
C THR A 63 25.58 7.47 -21.82
N THR A 64 26.72 8.13 -21.68
CA THR A 64 27.06 8.84 -20.45
C THR A 64 27.81 10.10 -20.82
N PHE A 65 28.11 10.93 -19.83
CA PHE A 65 28.62 12.25 -20.07
C PHE A 65 29.14 12.83 -18.76
N ASP A 66 30.12 13.73 -18.83
CA ASP A 66 30.47 14.53 -17.67
C ASP A 66 29.39 15.59 -17.47
N MET A 67 29.10 15.93 -16.21
CA MET A 67 28.01 16.88 -15.92
C MET A 67 28.43 18.36 -16.09
N PRO A 68 27.46 19.27 -16.26
CA PRO A 68 27.82 20.64 -16.63
C PRO A 68 28.72 21.30 -15.58
N GLY A 69 29.80 21.90 -16.05
CA GLY A 69 30.77 22.53 -15.14
C GLY A 69 31.80 21.60 -14.58
N MET A 70 31.61 20.29 -14.76
CA MET A 70 32.45 19.28 -14.16
C MET A 70 33.37 18.64 -15.20
N SER A 71 34.60 18.39 -14.80
CA SER A 71 35.51 17.60 -15.62
C SER A 71 35.54 18.08 -17.06
N ARG A 72 35.31 17.20 -18.04
CA ARG A 72 35.50 17.57 -19.43
C ARG A 72 34.30 18.32 -20.03
N SER A 73 33.23 18.45 -19.23
CA SER A 73 32.09 19.31 -19.53
C SER A 73 32.17 20.67 -18.79
N SER A 74 33.37 21.08 -18.38
CA SER A 74 33.50 22.24 -17.50
C SER A 74 33.22 23.58 -18.20
N SER A 75 33.29 23.64 -19.53
CA SER A 75 32.92 24.88 -20.25
C SER A 75 31.42 25.02 -20.39
N ALA A 76 30.84 25.88 -19.56
CA ALA A 76 29.40 25.97 -19.38
C ALA A 76 29.09 27.26 -18.64
N PRO A 77 27.90 27.79 -18.88
CA PRO A 77 27.58 28.99 -18.11
C PRO A 77 27.32 28.71 -16.63
N PRO A 78 27.63 29.68 -15.75
CA PRO A 78 27.56 29.49 -14.30
C PRO A 78 26.21 29.01 -13.81
N GLU A 79 25.12 29.42 -14.44
CA GLU A 79 23.83 28.96 -13.96
C GLU A 79 23.65 27.44 -14.07
N THR A 80 24.44 26.79 -14.92
CA THR A 80 24.31 25.32 -15.09
C THR A 80 25.01 24.53 -14.00
N TYR A 81 25.84 25.20 -13.18
CA TYR A 81 26.51 24.53 -12.06
C TYR A 81 26.44 25.34 -10.75
N GLN A 82 25.50 26.28 -10.70
CA GLN A 82 25.20 27.04 -9.48
C GLN A 82 23.69 26.98 -9.20
N ASP A 83 23.28 26.89 -7.93
CA ASP A 83 21.87 26.72 -7.60
C ASP A 83 21.27 25.57 -8.37
N VAL A 84 21.97 24.45 -8.35
CA VAL A 84 21.57 23.31 -9.14
C VAL A 84 20.42 22.56 -8.49
N THR A 85 19.48 22.14 -9.32
CA THR A 85 18.34 21.32 -8.94
C THR A 85 18.19 20.18 -9.93
N GLY A 86 17.50 19.14 -9.48
CA GLY A 86 17.06 18.03 -10.35
C GLY A 86 16.39 18.55 -11.61
N GLN A 87 15.55 19.58 -11.46
CA GLN A 87 14.77 20.05 -12.58
C GLN A 87 15.64 20.70 -13.63
N LYS A 88 16.66 21.44 -13.16
CA LYS A 88 17.57 22.09 -14.10
C LYS A 88 18.37 21.05 -14.86
N LEU A 89 18.87 20.06 -14.12
CA LEU A 89 19.69 19.01 -14.72
C LEU A 89 18.90 18.14 -15.68
N ALA A 90 17.63 17.90 -15.36
CA ALA A 90 16.74 17.18 -16.27
C ALA A 90 16.55 17.92 -17.59
N ASN A 91 16.31 19.23 -17.51
CA ASN A 91 16.18 20.04 -18.73
C ASN A 91 17.45 19.88 -19.61
N TYR A 92 18.62 20.03 -18.99
CA TYR A 92 19.85 19.93 -19.76
C TYR A 92 19.99 18.58 -20.42
N ILE A 93 19.70 17.49 -19.69
CA ILE A 93 19.88 16.16 -20.20
C ILE A 93 18.88 15.80 -21.29
N VAL A 94 17.69 16.39 -21.22
CA VAL A 94 16.72 16.16 -22.31
C VAL A 94 17.27 16.82 -23.59
N THR A 95 17.93 17.96 -23.47
CA THR A 95 18.54 18.56 -24.67
C THR A 95 19.66 17.73 -25.25
N VAL A 96 20.45 17.07 -24.38
CA VAL A 96 21.47 16.13 -24.83
C VAL A 96 20.80 15.00 -25.59
N MET A 97 19.74 14.44 -24.97
CA MET A 97 19.00 13.34 -25.63
C MET A 97 18.49 13.74 -27.00
N ASP A 98 17.91 14.93 -27.09
CA ASP A 98 17.43 15.45 -28.38
C ASP A 98 18.56 15.52 -29.38
N GLN A 99 19.68 16.11 -28.98
CA GLN A 99 20.79 16.26 -29.90
C GLN A 99 21.42 14.98 -30.35
N LEU A 100 21.39 13.94 -29.50
CA LEU A 100 21.94 12.66 -29.85
C LEU A 100 20.91 11.70 -30.48
N GLY A 101 19.67 12.15 -30.59
CA GLY A 101 18.62 11.33 -31.20
C GLY A 101 18.13 10.18 -30.34
N ILE A 102 18.21 10.35 -29.02
CA ILE A 102 17.74 9.35 -28.07
C ILE A 102 16.29 9.69 -27.75
N LYS A 103 15.36 8.84 -28.19
CA LYS A 103 13.94 9.13 -28.02
C LYS A 103 13.47 8.78 -26.61
N THR A 104 13.77 7.57 -26.20
CA THR A 104 13.52 7.14 -24.81
C THR A 104 14.71 6.37 -24.26
N ALA A 105 14.89 6.39 -22.94
CA ALA A 105 16.02 5.72 -22.33
C ALA A 105 15.64 5.18 -20.95
N SER A 106 16.37 4.15 -20.57
CA SER A 106 16.38 3.69 -19.19
C SER A 106 17.49 4.46 -18.48
N VAL A 107 17.15 5.17 -17.42
CA VAL A 107 18.05 6.15 -16.86
C VAL A 107 18.43 5.77 -15.43
N TRP A 108 19.74 5.69 -15.20
CA TRP A 108 20.36 5.47 -13.90
C TRP A 108 20.97 6.78 -13.42
N GLY A 109 20.86 7.04 -12.13
CA GLY A 109 21.62 8.10 -11.50
C GLY A 109 21.70 7.93 -9.99
N CYS A 110 22.86 8.29 -9.45
CA CYS A 110 23.12 8.40 -8.02
C CYS A 110 23.24 9.85 -7.55
N SER A 111 22.74 10.12 -6.34
CA SER A 111 22.91 11.42 -5.72
C SER A 111 22.15 12.48 -6.52
N SER A 112 22.77 13.60 -6.87
CA SER A 112 22.14 14.55 -7.83
C SER A 112 21.75 13.93 -9.16
N GLY A 113 22.46 12.89 -9.57
CA GLY A 113 22.07 12.04 -10.70
C GLY A 113 20.71 11.41 -10.47
N ALA A 114 20.44 10.97 -9.24
CA ALA A 114 19.15 10.41 -8.88
C ALA A 114 18.07 11.48 -8.82
N SER A 115 18.38 12.62 -8.23
CA SER A 115 17.50 13.80 -8.33
C SER A 115 17.09 14.09 -9.77
N THR A 116 18.04 13.91 -10.68
CA THR A 116 17.78 14.11 -12.11
C THR A 116 16.89 13.02 -12.71
N VAL A 117 17.12 11.76 -12.29
CA VAL A 117 16.23 10.67 -12.69
C VAL A 117 14.80 10.98 -12.27
N LEU A 118 14.61 11.35 -11.00
CA LEU A 118 13.23 11.62 -10.55
C LEU A 118 12.61 12.78 -11.30
N ALA A 119 13.36 13.85 -11.50
CA ALA A 119 12.84 15.00 -12.27
C ALA A 119 12.54 14.62 -13.72
N LEU A 120 13.28 13.69 -14.29
CA LEU A 120 13.01 13.22 -15.66
C LEU A 120 11.73 12.39 -15.64
N CYS A 121 11.58 11.54 -14.63
CA CYS A 121 10.40 10.67 -14.56
C CYS A 121 9.16 11.52 -14.37
N SER A 122 9.28 12.62 -13.61
CA SER A 122 8.11 13.48 -13.32
C SER A 122 7.85 14.44 -14.46
N GLY A 123 8.92 15.04 -14.96
CA GLY A 123 8.80 16.14 -15.92
C GLY A 123 8.76 15.73 -17.38
N PHE A 124 9.35 14.57 -17.70
CA PHE A 124 9.57 14.15 -19.07
C PHE A 124 9.29 12.66 -19.23
N PRO A 125 8.10 12.23 -18.78
CA PRO A 125 7.79 10.79 -18.76
C PRO A 125 7.83 10.17 -20.14
N GLU A 126 7.59 10.94 -21.20
CA GLU A 126 7.64 10.39 -22.53
C GLU A 126 9.04 9.92 -22.87
N ARG A 127 10.05 10.50 -22.22
CA ARG A 127 11.42 10.25 -22.61
C ARG A 127 12.10 9.16 -21.79
N VAL A 128 11.45 8.74 -20.72
CA VAL A 128 12.04 7.74 -19.80
C VAL A 128 11.29 6.42 -19.88
N ARG A 129 11.99 5.36 -20.23
CA ARG A 129 11.39 4.02 -20.24
C ARG A 129 11.19 3.57 -18.82
N ASN A 130 12.23 3.72 -18.01
CA ASN A 130 12.20 3.38 -16.59
C ASN A 130 13.33 4.12 -15.90
N GLY A 131 13.09 4.51 -14.64
CA GLY A 131 14.06 5.23 -13.83
C GLY A 131 14.70 4.33 -12.79
N MET A 132 16.01 4.54 -12.58
CA MET A 132 16.77 3.79 -11.59
C MET A 132 17.54 4.81 -10.74
N PRO A 133 16.84 5.44 -9.79
CA PRO A 133 17.50 6.29 -8.81
C PRO A 133 18.22 5.49 -7.73
N HIS A 134 19.38 6.01 -7.31
CA HIS A 134 20.18 5.46 -6.21
C HIS A 134 20.54 6.61 -5.27
N GLU A 135 20.18 6.53 -3.99
CA GLU A 135 20.62 7.48 -2.97
C GLU A 135 20.33 8.92 -3.40
N VAL A 136 19.05 9.22 -3.44
CA VAL A 136 18.57 10.55 -3.70
C VAL A 136 18.78 11.42 -2.46
N PRO A 137 19.42 12.58 -2.61
CA PRO A 137 19.59 13.46 -1.46
C PRO A 137 18.24 14.07 -1.12
N THR A 138 17.95 14.07 0.15
CA THR A 138 16.68 14.47 0.63
C THR A 138 16.69 15.51 1.76
N ALA A 139 17.85 15.66 2.35
CA ALA A 139 18.06 16.62 3.42
C ALA A 139 19.33 17.42 3.24
N ASN A 140 19.27 18.70 3.59
CA ASN A 140 20.43 19.60 3.49
C ASN A 140 21.53 19.10 4.42
N PRO A 141 22.77 18.96 3.90
CA PRO A 141 23.83 18.50 4.79
C PRO A 141 23.95 19.45 5.98
N GLU A 142 23.77 18.89 7.18
CA GLU A 142 23.99 19.60 8.43
C GLU A 142 25.39 20.16 8.34
N GLN A 145 26.95 24.18 6.05
CA GLN A 145 26.97 24.84 4.74
C GLN A 145 27.47 26.25 4.84
N ASN A 146 27.40 26.78 6.06
CA ASN A 146 27.91 28.09 6.39
C ASN A 146 29.44 28.03 6.30
N ILE A 147 30.03 26.87 6.66
CA ILE A 147 31.45 26.65 6.57
C ILE A 147 32.03 26.55 5.16
N HIS A 148 31.22 26.54 4.08
CA HIS A 148 31.76 26.52 2.72
C HIS A 148 32.36 27.79 2.12
N ASP A 149 32.67 28.78 2.96
CA ASP A 149 33.48 29.93 2.64
C ASP A 149 34.97 29.69 3.09
N ALA A 150 35.43 28.49 2.81
CA ALA A 150 36.74 28.07 3.10
C ALA A 150 37.60 28.21 1.87
N ASP A 151 38.86 27.95 2.05
CA ASP A 151 39.79 27.93 0.93
C ASP A 151 39.35 26.81 -0.01
N PRO A 152 39.55 26.99 -1.32
CA PRO A 152 39.14 25.89 -2.21
C PRO A 152 39.91 24.60 -1.98
N ALA A 153 41.18 24.71 -1.57
CA ALA A 153 41.95 23.50 -1.36
C ALA A 153 41.41 22.74 -0.16
N THR A 154 40.92 23.48 0.84
CA THR A 154 40.31 22.85 2.00
C THR A 154 39.02 22.10 1.58
N ILE A 155 38.23 22.76 0.78
CA ILE A 155 37.02 22.08 0.26
C ILE A 155 37.37 20.82 -0.50
N SER A 156 38.29 20.92 -1.44
CA SER A 156 38.73 19.72 -2.16
C SER A 156 39.20 18.65 -1.20
N ARG A 157 40.07 19.03 -0.25
CA ARG A 157 40.53 18.04 0.72
C ARG A 157 39.43 17.32 1.45
N ASP A 158 38.49 18.10 2.00
CA ASP A 158 37.49 17.55 2.87
C ASP A 158 36.45 16.74 2.01
N MET A 159 36.15 17.22 0.81
CA MET A 159 35.16 16.49 -0.06
C MET A 159 35.77 15.24 -0.68
N ALA A 160 37.10 15.23 -0.91
CA ALA A 160 37.73 14.03 -1.44
C ALA A 160 37.70 12.98 -0.32
N ALA A 161 37.91 13.41 0.92
CA ALA A 161 37.89 12.44 2.05
C ALA A 161 36.52 11.82 2.26
N VAL A 162 35.48 12.66 2.22
CA VAL A 162 34.10 12.21 2.36
C VAL A 162 33.77 11.25 1.22
N SER A 163 34.16 11.63 0.00
CA SER A 163 33.82 10.78 -1.14
C SER A 163 34.49 9.42 -1.06
N ARG A 164 35.77 9.40 -0.68
CA ARG A 164 36.48 8.15 -0.57
C ARG A 164 35.84 7.28 0.51
N ALA A 165 35.42 7.89 1.59
CA ALA A 165 34.75 7.17 2.68
C ALA A 165 33.36 6.67 2.25
N MET A 166 32.72 7.34 1.30
CA MET A 166 31.45 6.85 0.76
C MET A 166 31.56 5.83 -0.39
N SER A 167 32.78 5.47 -0.77
CA SER A 167 32.98 4.53 -1.87
C SER A 167 32.79 3.07 -1.47
N ALA A 168 33.03 2.78 -0.20
CA ALA A 168 32.99 1.42 0.30
C ALA A 168 34.03 0.48 -0.33
N ASN A 169 34.87 1.00 -1.21
CA ASN A 169 35.97 0.19 -1.73
C ASN A 169 37.06 1.18 -2.06
N GLU A 170 37.83 1.52 -1.03
CA GLU A 170 38.82 2.57 -1.12
C GLU A 170 39.89 2.22 -2.16
N GLU A 171 40.21 0.95 -2.30
CA GLU A 171 41.18 0.56 -3.33
C GLU A 171 40.66 0.83 -4.75
N ALA A 172 39.40 0.52 -5.00
CA ALA A 172 38.81 0.81 -6.31
C ALA A 172 38.67 2.30 -6.55
N TRP A 173 38.35 3.04 -5.50
CA TRP A 173 38.31 4.50 -5.60
C TRP A 173 39.65 5.06 -5.99
N ASP A 174 40.70 4.63 -5.28
CA ASP A 174 42.05 5.10 -5.61
C ASP A 174 42.45 4.67 -7.01
N ALA A 175 41.99 3.49 -7.41
CA ALA A 175 42.30 2.91 -8.72
C ALA A 175 41.64 3.64 -9.90
N LEU A 176 40.72 4.56 -9.63
CA LEU A 176 40.26 5.44 -10.69
C LEU A 176 41.42 6.13 -11.36
N GLY A 177 42.44 6.46 -10.58
CA GLY A 177 43.72 6.90 -11.12
C GLY A 177 43.91 8.42 -11.09
N PRO A 178 45.15 8.89 -11.27
CA PRO A 178 45.40 10.31 -11.05
C PRO A 178 44.71 11.26 -12.03
N GLU A 179 44.53 10.86 -13.28
CA GLU A 179 43.85 11.71 -14.22
C GLU A 179 42.43 12.04 -13.69
N VAL A 180 41.71 11.01 -13.25
CA VAL A 180 40.37 11.21 -12.66
C VAL A 180 40.40 12.07 -11.40
N HIS A 181 41.31 11.75 -10.48
CA HIS A 181 41.36 12.51 -9.23
C HIS A 181 41.79 13.95 -9.41
N GLU A 182 42.60 14.22 -10.43
CA GLU A 182 42.97 15.58 -10.74
C GLU A 182 41.78 16.37 -11.30
N ARG A 183 40.91 15.73 -12.07
CA ARG A 183 39.64 16.38 -12.50
C ARG A 183 38.68 16.61 -11.32
N LEU A 184 38.60 15.63 -10.44
CA LEU A 184 37.69 15.72 -9.30
C LEU A 184 38.05 16.86 -8.39
N ARG A 185 39.36 17.13 -8.24
CA ARG A 185 39.79 18.24 -7.42
C ARG A 185 39.05 19.54 -7.64
N ASP A 186 38.92 20.00 -8.88
CA ASP A 186 38.21 21.24 -9.11
C ASP A 186 36.69 21.02 -9.01
N ASN A 187 36.24 19.84 -9.39
CA ASN A 187 34.79 19.53 -9.30
C ASN A 187 34.26 19.64 -7.87
N TYR A 188 35.06 19.23 -6.88
CA TYR A 188 34.61 19.33 -5.47
C TYR A 188 34.19 20.76 -5.12
N VAL A 189 34.98 21.73 -5.57
CA VAL A 189 34.72 23.13 -5.24
C VAL A 189 33.43 23.59 -5.92
N ARG A 190 33.32 23.36 -7.23
CA ARG A 190 32.07 23.70 -7.91
C ARG A 190 30.86 23.02 -7.31
N TRP A 191 30.99 21.72 -7.01
CA TRP A 191 29.92 20.95 -6.40
C TRP A 191 29.55 21.63 -5.08
N ALA A 192 30.54 21.98 -4.26
CA ALA A 192 30.24 22.54 -2.94
C ALA A 192 29.45 23.82 -3.05
N TYR A 193 29.82 24.66 -4.01
CA TYR A 193 29.16 25.94 -4.14
C TYR A 193 27.79 25.82 -4.78
N GLY A 194 27.60 24.77 -5.59
CA GLY A 194 26.38 24.71 -6.43
C GLY A 194 25.31 23.71 -6.09
N TYR A 195 25.63 22.69 -5.31
CA TYR A 195 24.78 21.51 -5.17
C TYR A 195 24.10 21.32 -3.77
N PRO A 196 24.87 21.36 -2.67
CA PRO A 196 24.28 20.82 -1.45
C PRO A 196 23.15 21.71 -0.85
N ARG A 197 23.12 23.01 -1.13
CA ARG A 197 22.07 23.83 -0.59
C ARG A 197 20.76 23.64 -1.35
N THR A 198 20.84 23.23 -2.62
CA THR A 198 19.66 23.29 -3.50
C THR A 198 19.22 21.96 -4.06
N ILE A 199 20.12 20.98 -4.18
CA ILE A 199 19.72 19.67 -4.69
C ILE A 199 18.74 18.92 -3.79
N PRO A 200 18.96 18.92 -2.47
CA PRO A 200 18.11 18.05 -1.65
C PRO A 200 16.61 18.45 -1.66
N GLY A 201 16.36 19.74 -1.59
CA GLY A 201 14.98 20.27 -1.67
C GLY A 201 14.31 20.03 -2.99
N SER A 202 15.10 19.84 -4.05
CA SER A 202 14.56 19.65 -5.39
C SER A 202 14.06 18.24 -5.66
N ALA A 203 14.21 17.34 -4.69
CA ALA A 203 13.89 15.95 -4.90
C ALA A 203 12.41 15.83 -5.27
N ALA A 204 12.14 15.18 -6.38
CA ALA A 204 10.77 15.06 -6.90
C ALA A 204 10.12 13.81 -6.32
N THR A 205 9.73 13.91 -5.05
CA THR A 205 9.33 12.76 -4.23
C THR A 205 7.88 12.83 -3.75
N LYS A 206 7.11 13.75 -4.32
CA LYS A 206 5.66 13.78 -4.10
C LYS A 206 5.00 12.61 -4.82
N THR A 207 3.83 12.19 -4.37
CA THR A 207 3.14 11.06 -5.02
C THR A 207 2.93 11.37 -6.51
N GLU A 208 2.61 12.61 -6.82
CA GLU A 208 2.36 12.98 -8.23
C GLU A 208 3.61 12.94 -9.10
N ASP A 209 4.81 12.94 -8.50
CA ASP A 209 6.02 12.80 -9.30
C ASP A 209 6.38 11.37 -9.69
N LEU A 210 5.91 10.41 -8.93
CA LEU A 210 6.54 9.11 -8.85
C LEU A 210 5.85 7.97 -9.55
N HIS A 211 4.78 8.23 -10.29
CA HIS A 211 4.01 7.13 -10.88
C HIS A 211 3.63 7.40 -12.32
N LYS A 212 4.50 8.09 -13.04
CA LYS A 212 4.30 8.25 -14.48
C LYS A 212 5.07 7.29 -15.32
N VAL A 213 6.16 6.76 -14.77
CA VAL A 213 6.89 5.70 -15.40
C VAL A 213 7.38 4.76 -14.28
N PRO A 214 7.76 3.55 -14.67
CA PRO A 214 8.25 2.60 -13.66
C PRO A 214 9.57 3.11 -13.06
N ILE A 215 9.73 2.94 -11.76
CA ILE A 215 10.93 3.32 -11.02
C ILE A 215 11.36 2.09 -10.27
N ASP A 216 12.68 1.87 -10.20
CA ASP A 216 13.26 0.85 -9.36
C ASP A 216 14.39 1.53 -8.58
N TRP A 217 14.20 1.64 -7.27
CA TRP A 217 15.02 2.48 -6.41
C TRP A 217 16.06 1.62 -5.70
N THR A 218 17.26 2.17 -5.50
CA THR A 218 18.27 1.45 -4.74
C THR A 218 18.96 2.38 -3.74
N VAL A 219 19.43 1.74 -2.66
CA VAL A 219 20.39 2.34 -1.74
C VAL A 219 21.52 1.33 -1.49
N GLY A 220 22.62 1.87 -0.95
CA GLY A 220 23.82 1.10 -0.75
C GLY A 220 23.74 0.31 0.54
N ALA A 221 24.04 -0.97 0.43
CA ALA A 221 23.96 -1.93 1.58
C ALA A 221 24.88 -1.52 2.71
N ALA A 222 26.04 -0.98 2.34
CA ALA A 222 27.07 -0.64 3.31
C ALA A 222 27.03 0.80 3.81
N GLY A 223 26.15 1.63 3.29
CA GLY A 223 26.04 2.99 3.83
C GLY A 223 25.43 2.94 5.23
N PRO A 224 25.83 3.87 6.10
CA PRO A 224 25.15 3.96 7.39
C PRO A 224 23.66 4.23 7.17
N THR A 225 22.84 3.52 7.93
CA THR A 225 21.38 3.57 7.80
C THR A 225 20.82 4.98 7.69
N GLN A 226 21.35 5.92 8.47
CA GLN A 226 20.73 7.23 8.52
C GLN A 226 20.86 7.97 7.18
N VAL A 227 21.91 7.70 6.42
CA VAL A 227 22.23 8.62 5.33
C VAL A 227 21.10 8.73 4.28
N PHE A 228 20.67 7.61 3.78
CA PHE A 228 19.58 7.61 2.82
C PHE A 228 18.40 6.80 3.32
N PHE A 229 18.25 6.75 4.65
CA PHE A 229 17.06 6.23 5.31
C PHE A 229 15.74 6.65 4.66
N GLU A 230 15.62 7.95 4.37
CA GLU A 230 14.38 8.49 3.89
C GLU A 230 14.04 7.98 2.49
N ASN A 231 15.04 7.56 1.72
CA ASN A 231 14.78 6.88 0.43
C ASN A 231 13.99 5.57 0.62
N VAL A 232 14.37 4.78 1.62
CA VAL A 232 13.64 3.54 1.89
C VAL A 232 12.20 3.79 2.33
N VAL A 233 12.01 4.80 3.15
CA VAL A 233 10.69 5.26 3.56
C VAL A 233 9.83 5.68 2.36
N ILE A 234 10.34 6.62 1.58
CA ILE A 234 9.60 7.13 0.43
C ILE A 234 9.21 6.01 -0.51
N ALA A 235 10.18 5.17 -0.90
CA ALA A 235 9.93 4.12 -1.85
C ALA A 235 8.89 3.14 -1.33
N THR A 236 9.03 2.76 -0.07
CA THR A 236 8.06 1.90 0.56
C THR A 236 6.64 2.50 0.64
N ARG A 237 6.56 3.74 1.05
CA ARG A 237 5.25 4.44 1.16
C ARG A 237 4.55 4.43 -0.19
N GLU A 238 5.34 4.58 -1.24
CA GLU A 238 4.81 4.66 -2.60
C GLU A 238 4.69 3.36 -3.36
N SER A 239 5.00 2.23 -2.71
CA SER A 239 5.03 0.91 -3.32
C SER A 239 5.90 0.89 -4.58
N ILE A 240 7.07 1.51 -4.45
CA ILE A 240 8.07 1.46 -5.50
C ILE A 240 9.07 0.40 -5.09
N PRO A 241 9.49 -0.48 -6.02
CA PRO A 241 10.54 -1.43 -5.71
C PRO A 241 11.80 -0.80 -5.17
N ILE A 242 12.25 -1.31 -4.05
CA ILE A 242 13.41 -0.73 -3.35
C ILE A 242 14.28 -1.89 -2.86
N LYS A 243 15.59 -1.82 -3.14
CA LYS A 243 16.50 -2.83 -2.62
C LYS A 243 17.88 -2.24 -2.46
N THR A 244 18.73 -3.00 -1.79
CA THR A 244 20.13 -2.61 -1.61
C THR A 244 20.97 -3.10 -2.79
N LEU A 245 22.02 -2.32 -3.11
CA LEU A 245 23.08 -2.80 -3.98
C LEU A 245 24.31 -2.96 -3.09
N PRO A 246 25.25 -3.82 -3.49
CA PRO A 246 26.52 -3.82 -2.75
C PRO A 246 27.17 -2.47 -2.70
N GLY A 247 28.00 -2.26 -1.68
CA GLY A 247 28.71 -1.00 -1.56
C GLY A 247 27.87 0.12 -0.99
N PHE A 248 28.12 1.33 -1.45
CA PHE A 248 27.55 2.53 -0.84
C PHE A 248 27.24 3.50 -1.98
N HIS A 249 27.94 4.63 -2.04
CA HIS A 249 27.52 5.74 -2.89
C HIS A 249 28.03 5.67 -4.35
N PHE A 250 28.94 4.76 -4.63
CA PHE A 250 29.55 4.65 -5.96
C PHE A 250 29.59 3.18 -6.37
N PRO A 251 28.42 2.54 -6.51
CA PRO A 251 28.40 1.11 -6.80
C PRO A 251 29.06 0.76 -8.12
N TYR A 252 28.98 1.68 -9.09
CA TYR A 252 29.59 1.47 -10.37
C TYR A 252 31.13 1.41 -10.28
N VAL A 253 31.68 2.03 -9.25
CA VAL A 253 33.11 1.98 -8.97
C VAL A 253 33.44 0.75 -8.07
N SER A 254 32.69 0.60 -6.98
CA SER A 254 33.01 -0.43 -5.99
C SER A 254 32.71 -1.85 -6.45
N HIS A 255 31.62 -2.02 -7.20
CA HIS A 255 31.04 -3.29 -7.59
C HIS A 255 30.53 -3.20 -9.03
N PRO A 256 31.43 -3.02 -9.98
CA PRO A 256 31.02 -2.76 -11.34
C PRO A 256 30.21 -3.91 -11.95
N GLU A 257 30.53 -5.16 -11.61
CA GLU A 257 29.77 -6.27 -12.17
C GLU A 257 28.33 -6.34 -11.64
N ALA A 258 28.19 -6.21 -10.31
CA ALA A 258 26.88 -6.25 -9.69
C ALA A 258 26.09 -5.05 -10.19
N PHE A 259 26.77 -3.91 -10.28
CA PHE A 259 26.10 -2.73 -10.84
C PHE A 259 25.55 -2.96 -12.24
N ALA A 260 26.41 -3.41 -13.15
CA ALA A 260 25.97 -3.70 -14.51
C ALA A 260 24.83 -4.69 -14.57
N LYS A 261 24.94 -5.77 -13.79
CA LYS A 261 23.88 -6.78 -13.79
C LYS A 261 22.54 -6.16 -13.36
N TYR A 262 22.57 -5.35 -12.31
CA TYR A 262 21.38 -4.62 -11.86
C TYR A 262 20.72 -3.76 -12.96
N VAL A 263 21.53 -2.98 -13.66
CA VAL A 263 21.00 -2.10 -14.68
C VAL A 263 20.39 -2.91 -15.83
N VAL A 264 21.09 -3.95 -16.23
CA VAL A 264 20.64 -4.83 -17.30
C VAL A 264 19.37 -5.57 -16.93
N GLU A 265 19.36 -6.23 -15.77
CA GLU A 265 18.18 -6.97 -15.40
C GLU A 265 16.96 -6.09 -15.17
N THR A 266 17.17 -4.94 -14.55
CA THR A 266 16.07 -4.01 -14.30
C THR A 266 15.49 -3.49 -15.61
N THR A 267 16.36 -3.07 -16.51
CA THR A 267 15.91 -2.55 -17.78
C THR A 267 15.15 -3.60 -18.58
N ARG A 268 15.64 -4.82 -18.55
CA ARG A 268 14.93 -5.91 -19.24
C ARG A 268 13.52 -6.16 -18.75
N LYS A 269 13.20 -5.78 -17.52
CA LYS A 269 11.81 -5.86 -17.07
C LYS A 269 10.80 -5.13 -17.95
N TYR A 270 11.25 -4.11 -18.65
CA TYR A 270 10.37 -3.12 -19.29
C TYR A 270 10.42 -3.15 -20.80
N LEU A 271 11.00 -4.21 -21.34
CA LEU A 271 11.14 -4.32 -22.78
C LEU A 271 10.03 -5.21 -23.37
N ALA B 8 17.32 13.36 45.06
CA ALA B 8 17.75 12.48 43.92
C ALA B 8 17.21 11.06 44.13
N PRO B 9 16.40 10.55 43.18
CA PRO B 9 15.91 9.18 43.31
C PRO B 9 17.06 8.19 43.58
N GLU B 10 16.82 7.17 44.39
CA GLU B 10 17.80 6.11 44.50
C GLU B 10 17.39 4.87 43.71
N ARG B 11 18.39 4.06 43.40
CA ARG B 11 18.24 2.85 42.59
C ARG B 11 18.00 1.69 43.54
N LEU B 12 16.86 1.02 43.39
CA LEU B 12 16.60 -0.28 44.00
C LEU B 12 17.22 -1.38 43.18
N ARG B 13 17.99 -2.24 43.83
CA ARG B 13 18.59 -3.38 43.18
C ARG B 13 18.28 -4.61 44.01
N SER B 14 17.53 -5.55 43.44
CA SER B 14 17.00 -6.64 44.23
C SER B 14 16.72 -7.85 43.36
N THR B 15 16.09 -8.86 43.95
CA THR B 15 15.64 -10.02 43.19
C THR B 15 14.18 -10.30 43.53
N ILE B 16 13.52 -11.00 42.63
CA ILE B 16 12.11 -11.33 42.80
C ILE B 16 11.81 -12.65 42.12
N LEU B 17 11.09 -13.52 42.84
CA LEU B 17 10.64 -14.80 42.28
C LEU B 17 9.31 -14.74 41.59
N THR B 18 9.23 -15.42 40.47
CA THR B 18 7.95 -15.62 39.82
C THR B 18 7.57 -17.09 39.70
N LYS B 19 6.30 -17.30 39.42
CA LYS B 19 5.72 -18.63 39.38
C LYS B 19 6.25 -19.49 38.24
N ASP B 20 6.91 -18.87 37.27
CA ASP B 20 7.51 -19.66 36.21
C ASP B 20 8.91 -20.14 36.61
N GLY B 21 9.30 -19.94 37.86
CA GLY B 21 10.56 -20.48 38.36
C GLY B 21 11.78 -19.61 38.31
N ILE B 22 11.63 -18.43 37.72
CA ILE B 22 12.75 -17.57 37.52
C ILE B 22 12.96 -16.75 38.78
N ASN B 23 14.22 -16.67 39.20
CA ASN B 23 14.66 -15.72 40.21
C ASN B 23 15.31 -14.54 39.49
N TRP B 24 14.49 -13.52 39.24
CA TRP B 24 14.92 -12.35 38.44
C TRP B 24 15.77 -11.43 39.29
N TYR B 25 16.90 -11.00 38.73
CA TYR B 25 17.56 -9.80 39.19
C TYR B 25 16.91 -8.61 38.52
N TYR B 26 16.54 -7.61 39.33
CA TYR B 26 15.88 -6.42 38.78
C TYR B 26 16.30 -5.15 39.46
N GLU B 27 16.03 -4.03 38.79
CA GLU B 27 16.34 -2.73 39.35
C GLU B 27 15.18 -1.78 39.08
N GLN B 28 14.92 -0.87 40.00
CA GLN B 28 13.92 0.18 39.79
C GLN B 28 14.43 1.54 40.25
N GLU B 29 14.03 2.61 39.55
CA GLU B 29 14.41 3.96 39.96
C GLU B 29 13.30 4.89 39.50
N GLY B 30 12.87 5.76 40.40
CA GLY B 30 11.97 6.84 40.03
C GLY B 30 10.54 6.64 40.49
N SER B 31 9.72 7.54 40.00
CA SER B 31 8.36 7.68 40.43
C SER B 31 7.55 8.15 39.22
N GLY B 32 6.31 7.69 39.11
CA GLY B 32 5.44 8.05 38.02
C GLY B 32 5.03 6.88 37.13
N PRO B 33 4.57 7.20 35.93
CA PRO B 33 4.17 6.13 35.01
C PRO B 33 5.32 5.15 34.75
N ASP B 34 4.98 3.89 34.53
CA ASP B 34 6.00 2.85 34.45
C ASP B 34 6.61 2.83 33.05
N VAL B 35 7.94 2.72 33.04
CA VAL B 35 8.72 2.44 31.84
C VAL B 35 9.53 1.16 32.12
N VAL B 36 9.42 0.20 31.21
CA VAL B 36 10.18 -1.07 31.31
C VAL B 36 11.22 -1.13 30.23
N LEU B 37 12.49 -1.35 30.63
CA LEU B 37 13.61 -1.47 29.70
C LEU B 37 14.06 -2.91 29.56
N ILE B 38 13.70 -3.55 28.46
CA ILE B 38 14.02 -4.95 28.23
C ILE B 38 15.36 -5.07 27.55
N PRO B 39 16.32 -5.83 28.14
CA PRO B 39 17.60 -6.00 27.45
C PRO B 39 17.54 -6.65 26.06
N ASP B 40 18.60 -6.38 25.31
CA ASP B 40 18.95 -7.15 24.14
C ASP B 40 19.23 -8.61 24.53
N GLY B 41 19.57 -9.42 23.54
CA GLY B 41 19.67 -10.87 23.73
C GLY B 41 20.71 -11.26 24.76
N LEU B 42 21.70 -10.39 24.99
CA LEU B 42 22.76 -10.72 25.95
C LEU B 42 22.24 -10.63 27.36
N GLY B 43 21.09 -9.97 27.53
CA GLY B 43 20.32 -10.07 28.77
C GLY B 43 20.83 -9.37 30.03
N ASP B 44 21.67 -8.36 29.90
CA ASP B 44 22.30 -7.74 31.05
C ASP B 44 21.86 -6.31 31.25
N CYS B 45 21.13 -6.06 32.31
CA CYS B 45 20.57 -4.73 32.51
C CYS B 45 21.52 -3.66 33.01
N GLN B 46 22.77 -4.02 33.28
CA GLN B 46 23.71 -3.01 33.68
C GLN B 46 23.96 -2.04 32.51
N MET B 47 23.70 -2.51 31.29
CA MET B 47 23.79 -1.61 30.12
C MET B 47 22.79 -0.43 30.12
N PHE B 48 21.78 -0.48 30.97
CA PHE B 48 20.84 0.62 31.14
C PHE B 48 21.15 1.56 32.32
N ASP B 49 22.22 1.31 33.06
CA ASP B 49 22.43 2.03 34.31
C ASP B 49 22.39 3.56 34.16
N LYS B 50 23.10 4.08 33.17
CA LYS B 50 23.16 5.54 32.98
C LYS B 50 21.84 6.11 32.52
N PRO B 51 21.26 5.56 31.45
CA PRO B 51 19.99 6.17 31.04
C PRO B 51 18.84 5.92 31.98
N MET B 52 18.87 4.83 32.75
CA MET B 52 17.89 4.62 33.78
C MET B 52 17.81 5.78 34.77
N SER B 53 18.95 6.34 35.16
CA SER B 53 18.93 7.50 36.08
C SER B 53 18.30 8.72 35.41
N ILE B 54 18.55 8.89 34.11
CA ILE B 54 18.05 10.05 33.36
C ILE B 54 16.52 9.93 33.21
N ILE B 55 16.07 8.78 32.74
CA ILE B 55 14.64 8.54 32.52
C ILE B 55 13.91 8.62 33.87
N GLY B 56 14.52 8.03 34.88
CA GLY B 56 13.94 7.97 36.22
C GLY B 56 13.96 9.29 36.98
N SER B 57 14.65 10.28 36.42
CA SER B 57 14.60 11.67 36.91
C SER B 57 13.67 12.55 36.09
N SER B 58 13.11 11.99 35.01
CA SER B 58 12.30 12.72 34.07
C SER B 58 10.79 12.48 34.28
N GLY B 59 10.44 11.86 35.41
CA GLY B 59 9.06 11.69 35.78
C GLY B 59 8.48 10.32 35.46
N PHE B 60 9.31 9.29 35.54
CA PHE B 60 8.90 7.91 35.31
C PHE B 60 9.48 6.98 36.36
N LYS B 61 8.75 5.90 36.64
CA LYS B 61 9.31 4.80 37.40
C LYS B 61 9.87 3.80 36.40
N VAL B 62 11.18 3.64 36.42
CA VAL B 62 11.86 2.76 35.47
C VAL B 62 12.16 1.40 36.13
N THR B 63 11.78 0.35 35.42
CA THR B 63 12.09 -1.03 35.83
C THR B 63 12.92 -1.70 34.75
N THR B 64 13.99 -2.39 35.17
CA THR B 64 14.74 -3.25 34.27
C THR B 64 15.17 -4.51 34.99
N PHE B 65 15.73 -5.45 34.25
CA PHE B 65 16.04 -6.79 34.82
C PHE B 65 17.03 -7.50 33.92
N ASP B 66 17.77 -8.45 34.48
CA ASP B 66 18.52 -9.35 33.64
C ASP B 66 17.54 -10.38 33.10
N MET B 67 17.74 -10.86 31.89
CA MET B 67 16.78 -11.75 31.26
C MET B 67 16.98 -13.21 31.77
N PRO B 68 15.97 -14.05 31.60
CA PRO B 68 15.99 -15.42 32.18
C PRO B 68 17.20 -16.19 31.70
N GLY B 69 17.94 -16.78 32.65
CA GLY B 69 19.13 -17.53 32.30
C GLY B 69 20.41 -16.72 32.17
N MET B 70 20.28 -15.39 32.00
CA MET B 70 21.39 -14.52 31.74
C MET B 70 21.83 -13.80 33.01
N SER B 71 23.14 -13.64 33.15
CA SER B 71 23.73 -12.78 34.17
C SER B 71 23.18 -13.12 35.55
N ARG B 72 22.63 -12.15 36.27
CA ARG B 72 22.15 -12.37 37.62
C ARG B 72 20.76 -12.97 37.72
N SER B 73 20.09 -13.18 36.59
CA SER B 73 18.84 -13.95 36.49
C SER B 73 19.08 -15.39 36.02
N SER B 74 20.28 -15.91 36.28
CA SER B 74 20.64 -17.23 35.76
C SER B 74 19.93 -18.38 36.45
N SER B 75 19.34 -18.15 37.63
CA SER B 75 18.58 -19.22 38.27
C SER B 75 17.16 -19.26 37.71
N ALA B 76 16.96 -20.13 36.72
CA ALA B 76 15.76 -20.18 35.92
C ALA B 76 15.69 -21.54 35.23
N PRO B 77 14.49 -22.03 34.97
CA PRO B 77 14.40 -23.30 34.27
C PRO B 77 14.98 -23.19 32.87
N PRO B 78 15.54 -24.27 32.34
CA PRO B 78 16.14 -24.32 31.00
C PRO B 78 15.24 -23.86 29.89
N GLU B 79 13.94 -24.13 29.93
CA GLU B 79 13.01 -23.71 28.88
C GLU B 79 12.85 -22.19 28.68
N THR B 80 13.21 -21.45 29.70
CA THR B 80 13.22 -20.04 29.82
C THR B 80 14.33 -19.39 28.96
N TYR B 81 15.37 -20.16 28.64
CA TYR B 81 16.46 -19.70 27.83
C TYR B 81 16.83 -20.64 26.67
N GLN B 82 15.91 -21.52 26.32
CA GLN B 82 16.07 -22.44 25.23
C GLN B 82 14.89 -22.31 24.27
N ASP B 83 15.12 -22.45 22.98
CA ASP B 83 14.06 -22.32 21.99
C ASP B 83 13.26 -21.03 22.28
N VAL B 84 13.99 -19.95 22.47
CA VAL B 84 13.39 -18.69 22.91
C VAL B 84 12.70 -17.97 21.75
N THR B 85 11.53 -17.45 22.05
CA THR B 85 10.71 -16.66 21.15
C THR B 85 10.25 -15.39 21.86
N GLY B 86 9.87 -14.39 21.06
CA GLY B 86 9.26 -13.19 21.62
C GLY B 86 8.05 -13.50 22.48
N GLN B 87 7.25 -14.47 22.06
CA GLN B 87 6.01 -14.80 22.78
C GLN B 87 6.35 -15.41 24.14
N LYS B 88 7.35 -16.28 24.18
CA LYS B 88 7.74 -16.90 25.44
C LYS B 88 8.23 -15.80 26.40
N LEU B 89 9.10 -14.90 25.92
CA LEU B 89 9.67 -13.87 26.79
C LEU B 89 8.55 -12.90 27.24
N ALA B 90 7.60 -12.64 26.35
CA ALA B 90 6.49 -11.75 26.71
C ALA B 90 5.72 -12.35 27.90
N ASN B 91 5.40 -13.63 27.81
CA ASN B 91 4.74 -14.26 28.97
C ASN B 91 5.51 -14.03 30.26
N TYR B 92 6.82 -14.27 30.24
CA TYR B 92 7.61 -14.10 31.45
C TYR B 92 7.61 -12.67 31.97
N ILE B 93 7.69 -11.69 31.06
CA ILE B 93 7.66 -10.30 31.45
C ILE B 93 6.31 -9.88 32.06
N VAL B 94 5.20 -10.37 31.51
CA VAL B 94 3.90 -10.08 32.10
C VAL B 94 3.79 -10.65 33.51
N THR B 95 4.36 -11.84 33.69
CA THR B 95 4.42 -12.45 35.05
C THR B 95 5.22 -11.61 36.05
N VAL B 96 6.40 -11.12 35.65
CA VAL B 96 7.18 -10.23 36.51
C VAL B 96 6.49 -8.87 36.73
N MET B 97 5.82 -8.33 35.70
CA MET B 97 4.99 -7.11 35.88
C MET B 97 3.92 -7.36 36.97
N ASP B 98 3.23 -8.49 36.90
CA ASP B 98 2.22 -8.84 37.89
C ASP B 98 2.81 -8.87 39.29
N GLN B 99 3.97 -9.52 39.45
CA GLN B 99 4.61 -9.63 40.75
C GLN B 99 5.07 -8.28 41.28
N LEU B 100 5.43 -7.38 40.38
CA LEU B 100 5.92 -6.08 40.80
C LEU B 100 4.79 -5.04 40.94
N GLY B 101 3.59 -5.40 40.54
CA GLY B 101 2.43 -4.51 40.64
C GLY B 101 2.39 -3.48 39.52
N ILE B 102 3.02 -3.81 38.39
CA ILE B 102 3.02 -2.91 37.24
C ILE B 102 1.82 -3.25 36.43
N LYS B 103 0.87 -2.32 36.31
CA LYS B 103 -0.35 -2.61 35.55
C LYS B 103 -0.17 -2.35 34.05
N THR B 104 0.33 -1.17 33.69
CA THR B 104 0.65 -0.85 32.28
C THR B 104 2.02 -0.21 32.22
N ALA B 105 2.70 -0.33 31.06
CA ALA B 105 4.04 0.20 30.98
C ALA B 105 4.31 0.61 29.56
N SER B 106 5.23 1.55 29.46
CA SER B 106 5.84 1.91 28.20
C SER B 106 7.09 1.06 28.10
N VAL B 107 7.17 0.26 27.05
CA VAL B 107 8.18 -0.80 26.97
C VAL B 107 9.16 -0.63 25.82
N TRP B 108 10.46 -0.59 26.16
CA TRP B 108 11.59 -0.51 25.22
C TRP B 108 12.21 -1.89 25.08
N GLY B 109 12.71 -2.24 23.91
CA GLY B 109 13.54 -3.43 23.78
C GLY B 109 14.26 -3.38 22.45
N CYS B 110 15.49 -3.87 22.44
CA CYS B 110 16.30 -4.07 21.22
C CYS B 110 16.50 -5.55 20.95
N SER B 111 16.55 -5.93 19.69
CA SER B 111 16.86 -7.30 19.29
C SER B 111 15.78 -8.27 19.81
N SER B 112 16.15 -9.34 20.51
CA SER B 112 15.11 -10.18 21.12
C SER B 112 14.27 -9.40 22.11
N GLY B 113 14.80 -8.34 22.71
CA GLY B 113 13.99 -7.43 23.51
C GLY B 113 12.89 -6.74 22.68
N ALA B 114 13.21 -6.41 21.44
CA ALA B 114 12.21 -5.84 20.53
C ALA B 114 11.21 -6.87 20.06
N SER B 115 11.67 -8.11 19.86
CA SER B 115 10.74 -9.21 19.56
C SER B 115 9.72 -9.32 20.70
N THR B 116 10.23 -9.16 21.91
CA THR B 116 9.40 -9.20 23.15
C THR B 116 8.43 -8.02 23.21
N VAL B 117 8.91 -6.80 22.90
CA VAL B 117 8.02 -5.66 22.79
C VAL B 117 6.88 -6.00 21.83
N LEU B 118 7.19 -6.44 20.61
CA LEU B 118 6.12 -6.70 19.63
C LEU B 118 5.12 -7.76 20.14
N ALA B 119 5.63 -8.82 20.78
CA ALA B 119 4.76 -9.84 21.34
C ALA B 119 3.87 -9.36 22.49
N LEU B 120 4.36 -8.39 23.25
CA LEU B 120 3.57 -7.75 24.30
C LEU B 120 2.49 -6.89 23.66
N CYS B 121 2.86 -6.14 22.63
CA CYS B 121 1.90 -5.25 21.96
C CYS B 121 0.82 -6.09 21.32
N SER B 122 1.18 -7.25 20.80
CA SER B 122 0.20 -8.10 20.12
C SER B 122 -0.66 -8.91 21.09
N GLY B 123 0.00 -9.54 22.03
CA GLY B 123 -0.65 -10.49 22.92
C GLY B 123 -1.16 -9.95 24.24
N PHE B 124 -0.61 -8.84 24.73
CA PHE B 124 -0.98 -8.24 26.00
C PHE B 124 -1.19 -6.73 25.88
N PRO B 125 -1.95 -6.30 24.88
CA PRO B 125 -2.11 -4.86 24.65
C PRO B 125 -2.65 -4.11 25.89
N GLU B 126 -3.38 -4.82 26.74
CA GLU B 126 -3.91 -4.19 27.94
C GLU B 126 -2.80 -3.79 28.92
N ARG B 127 -1.61 -4.35 28.75
CA ARG B 127 -0.50 -4.06 29.64
C ARG B 127 0.55 -3.08 29.10
N VAL B 128 0.36 -2.65 27.87
CA VAL B 128 1.29 -1.79 27.20
C VAL B 128 0.70 -0.44 26.85
N ARG B 129 1.24 0.62 27.39
CA ARG B 129 0.78 1.95 27.06
C ARG B 129 1.27 2.29 25.64
N ASN B 130 2.53 1.94 25.40
CA ASN B 130 3.17 2.15 24.10
C ASN B 130 4.42 1.28 24.00
N GLY B 131 4.74 0.81 22.79
CA GLY B 131 5.88 -0.05 22.55
C GLY B 131 6.96 0.63 21.73
N MET B 132 8.22 0.42 22.15
CA MET B 132 9.40 1.02 21.54
C MET B 132 10.38 -0.06 21.14
N PRO B 133 10.09 -0.76 20.02
CA PRO B 133 11.02 -1.75 19.48
C PRO B 133 12.14 -1.13 18.70
N HIS B 134 13.33 -1.72 18.84
CA HIS B 134 14.55 -1.27 18.16
C HIS B 134 15.21 -2.47 17.55
N GLU B 135 15.43 -2.44 16.24
CA GLU B 135 16.20 -3.52 15.58
C GLU B 135 15.67 -4.93 15.87
N VAL B 136 14.42 -5.13 15.45
CA VAL B 136 13.79 -6.44 15.49
C VAL B 136 14.50 -7.41 14.56
N PRO B 137 14.91 -8.58 15.07
CA PRO B 137 15.43 -9.61 14.16
C PRO B 137 14.33 -10.31 13.36
N THR B 138 14.53 -10.31 12.06
CA THR B 138 13.51 -10.64 11.14
C THR B 138 14.01 -11.77 10.22
N ALA B 139 15.31 -11.98 10.19
CA ALA B 139 15.89 -13.05 9.36
C ALA B 139 16.93 -13.77 10.15
N ASN B 140 17.18 -15.03 9.81
CA ASN B 140 18.25 -15.74 10.47
C ASN B 140 19.58 -15.33 9.85
N PRO B 141 20.49 -14.83 10.67
CA PRO B 141 21.67 -14.18 10.09
C PRO B 141 22.62 -15.21 9.45
N GLU B 142 23.12 -14.91 8.25
CA GLU B 142 24.00 -15.81 7.49
C GLU B 142 25.26 -16.14 8.29
N ASN B 143 26.00 -15.09 8.66
CA ASN B 143 27.23 -15.18 9.45
C ASN B 143 27.13 -16.00 10.75
N LEU B 144 25.95 -16.07 11.36
CA LEU B 144 25.75 -16.82 12.59
C LEU B 144 24.95 -18.09 12.37
N GLN B 145 25.08 -18.69 11.18
CA GLN B 145 24.22 -19.81 10.81
C GLN B 145 24.50 -21.05 11.68
N ASN B 146 25.76 -21.28 12.01
CA ASN B 146 26.11 -22.41 12.87
C ASN B 146 26.79 -22.03 14.17
N ILE B 147 26.52 -20.83 14.68
CA ILE B 147 27.21 -20.34 15.87
C ILE B 147 27.02 -21.31 17.06
N HIS B 148 25.86 -21.93 17.15
CA HIS B 148 25.60 -22.92 18.21
C HIS B 148 26.52 -24.15 18.14
N ASP B 149 26.92 -24.53 16.92
CA ASP B 149 27.74 -25.72 16.71
C ASP B 149 29.19 -25.55 17.15
N ALA B 150 29.63 -24.31 17.37
CA ALA B 150 31.02 -24.07 17.79
C ALA B 150 31.24 -24.40 19.25
N ASP B 151 32.52 -24.44 19.63
CA ASP B 151 32.89 -24.71 21.01
C ASP B 151 32.76 -23.42 21.84
N PRO B 152 32.38 -23.57 23.12
CA PRO B 152 31.91 -22.44 23.94
C PRO B 152 32.89 -21.29 24.02
N ALA B 153 34.18 -21.57 24.14
CA ALA B 153 35.16 -20.52 24.19
C ALA B 153 35.19 -19.70 22.89
N THR B 154 34.93 -20.37 21.77
CA THR B 154 34.90 -19.70 20.46
C THR B 154 33.61 -18.90 20.31
N ILE B 155 32.50 -19.47 20.76
CA ILE B 155 31.24 -18.73 20.80
C ILE B 155 31.43 -17.42 21.56
N SER B 156 31.98 -17.50 22.76
CA SER B 156 32.20 -16.30 23.57
C SER B 156 33.10 -15.31 22.90
N ARG B 157 34.20 -15.78 22.32
CA ARG B 157 35.13 -14.87 21.68
C ARG B 157 34.52 -14.19 20.43
N ASP B 158 33.85 -14.96 19.57
CA ASP B 158 33.35 -14.41 18.31
C ASP B 158 32.15 -13.51 18.59
N MET B 159 31.30 -13.93 19.51
CA MET B 159 30.13 -13.11 19.86
C MET B 159 30.47 -11.83 20.62
N ALA B 160 31.51 -11.87 21.46
CA ALA B 160 32.05 -10.64 22.03
C ALA B 160 32.54 -9.68 20.94
N ALA B 161 33.20 -10.21 19.92
CA ALA B 161 33.71 -9.32 18.86
C ALA B 161 32.56 -8.69 18.08
N VAL B 162 31.59 -9.51 17.71
CA VAL B 162 30.38 -9.07 17.00
C VAL B 162 29.62 -8.01 17.77
N SER B 163 29.44 -8.24 19.08
CA SER B 163 28.71 -7.28 19.89
C SER B 163 29.45 -5.97 19.94
N ARG B 164 30.77 -6.03 20.13
CA ARG B 164 31.53 -4.83 20.23
C ARG B 164 31.43 -4.05 18.92
N ALA B 165 31.49 -4.76 17.81
CA ALA B 165 31.41 -4.12 16.48
C ALA B 165 30.04 -3.48 16.29
N MET B 166 29.01 -4.06 16.88
CA MET B 166 27.65 -3.50 16.76
C MET B 166 27.32 -2.37 17.78
N SER B 167 28.30 -2.00 18.58
CA SER B 167 28.12 -1.01 19.61
C SER B 167 28.20 0.40 19.05
N ALA B 168 28.96 0.57 17.96
CA ALA B 168 29.24 1.87 17.38
C ALA B 168 29.90 2.87 18.34
N ASN B 169 30.32 2.41 19.50
CA ASN B 169 31.10 3.22 20.42
C ASN B 169 31.89 2.25 21.27
N GLU B 170 33.01 1.81 20.70
CA GLU B 170 33.86 0.80 21.30
C GLU B 170 34.38 1.22 22.68
N GLU B 171 34.62 2.50 22.86
CA GLU B 171 35.08 3.00 24.14
C GLU B 171 34.01 2.91 25.24
N ALA B 172 32.76 3.28 24.92
CA ALA B 172 31.65 3.10 25.86
C ALA B 172 31.39 1.61 26.16
N TRP B 173 31.52 0.77 25.14
CA TRP B 173 31.31 -0.65 25.28
C TRP B 173 32.31 -1.26 26.25
N ASP B 174 33.57 -0.98 26.01
CA ASP B 174 34.63 -1.45 26.95
C ASP B 174 34.41 -0.92 28.34
N ALA B 175 34.00 0.35 28.43
CA ALA B 175 33.82 1.00 29.72
C ALA B 175 32.65 0.44 30.52
N LEU B 176 31.81 -0.42 29.93
CA LEU B 176 30.88 -1.20 30.75
C LEU B 176 31.62 -1.87 31.91
N GLY B 177 32.88 -2.25 31.69
CA GLY B 177 33.71 -2.72 32.79
C GLY B 177 33.83 -4.23 32.85
N PRO B 178 34.83 -4.71 33.61
CA PRO B 178 35.15 -6.12 33.63
C PRO B 178 34.07 -7.01 34.24
N GLU B 179 33.38 -6.52 35.26
CA GLU B 179 32.28 -7.30 35.86
C GLU B 179 31.24 -7.64 34.79
N VAL B 180 30.83 -6.63 34.02
CA VAL B 180 29.80 -6.84 32.99
C VAL B 180 30.32 -7.80 31.93
N HIS B 181 31.55 -7.57 31.44
CA HIS B 181 32.04 -8.40 30.35
C HIS B 181 32.33 -9.84 30.81
N GLU B 182 32.60 -10.03 32.10
CA GLU B 182 32.71 -11.40 32.63
C GLU B 182 31.32 -12.09 32.62
N ARG B 183 30.26 -11.38 33.02
CA ARG B 183 28.91 -11.96 32.94
C ARG B 183 28.55 -12.32 31.51
N LEU B 184 28.91 -11.44 30.57
CA LEU B 184 28.53 -11.61 29.17
C LEU B 184 29.17 -12.85 28.56
N ARG B 185 30.39 -13.14 28.99
CA ARG B 185 31.13 -14.31 28.51
C ARG B 185 30.28 -15.56 28.49
N ASP B 186 29.61 -15.85 29.59
CA ASP B 186 28.75 -17.04 29.66
C ASP B 186 27.44 -16.84 28.88
N ASN B 187 26.90 -15.63 28.97
CA ASN B 187 25.63 -15.34 28.29
C ASN B 187 25.76 -15.65 26.77
N TYR B 188 26.90 -15.30 26.19
CA TYR B 188 27.09 -15.52 24.73
C TYR B 188 26.80 -16.93 24.34
N VAL B 189 27.23 -17.88 25.16
CA VAL B 189 26.97 -19.26 24.84
C VAL B 189 25.50 -19.63 24.94
N ARG B 190 24.90 -19.27 26.08
CA ARG B 190 23.50 -19.54 26.26
C ARG B 190 22.64 -18.82 25.22
N TRP B 191 22.99 -17.59 24.89
CA TRP B 191 22.34 -16.87 23.79
C TRP B 191 22.46 -17.66 22.47
N ALA B 192 23.65 -18.11 22.15
CA ALA B 192 23.81 -18.83 20.88
C ALA B 192 22.95 -20.06 20.79
N TYR B 193 22.86 -20.83 21.88
CA TYR B 193 22.09 -22.04 21.88
C TYR B 193 20.61 -21.78 21.80
N GLY B 194 20.13 -20.66 22.37
CA GLY B 194 18.70 -20.51 22.61
C GLY B 194 17.95 -19.45 21.79
N TYR B 195 18.69 -18.55 21.11
CA TYR B 195 18.10 -17.35 20.51
C TYR B 195 18.10 -17.29 18.97
N PRO B 196 19.27 -17.39 18.32
CA PRO B 196 19.25 -16.98 16.89
C PRO B 196 18.48 -17.89 15.97
N ARG B 197 18.30 -19.16 16.35
CA ARG B 197 17.55 -20.09 15.52
C ARG B 197 16.05 -19.93 15.61
N THR B 198 15.56 -19.34 16.69
CA THR B 198 14.12 -19.25 16.98
C THR B 198 13.58 -17.82 17.04
N ILE B 199 14.40 -16.88 17.47
CA ILE B 199 13.93 -15.52 17.67
C ILE B 199 13.42 -14.85 16.37
N PRO B 200 14.18 -14.93 15.28
CA PRO B 200 13.73 -14.18 14.07
C PRO B 200 12.41 -14.68 13.50
N GLY B 201 12.20 -15.98 13.51
CA GLY B 201 10.96 -16.58 13.03
C GLY B 201 9.74 -16.31 13.90
N SER B 202 9.99 -15.86 15.13
CA SER B 202 8.95 -15.46 16.04
C SER B 202 8.47 -14.03 15.93
N ALA B 203 9.06 -13.23 15.04
CA ALA B 203 8.80 -11.79 15.01
C ALA B 203 7.30 -11.56 14.83
N ALA B 204 6.70 -10.74 15.69
CA ALA B 204 5.26 -10.41 15.61
C ALA B 204 5.10 -9.16 14.76
N THR B 205 5.25 -9.36 13.46
CA THR B 205 5.32 -8.24 12.51
C THR B 205 4.18 -8.31 11.49
N LYS B 206 3.14 -9.08 11.78
CA LYS B 206 1.94 -9.06 10.96
C LYS B 206 1.08 -7.84 11.23
N THR B 207 0.23 -7.50 10.27
CA THR B 207 -0.68 -6.39 10.47
C THR B 207 -1.51 -6.58 11.75
N GLU B 208 -1.88 -7.82 12.01
CA GLU B 208 -2.70 -8.15 13.19
C GLU B 208 -1.93 -8.05 14.52
N ASP B 209 -0.61 -7.92 14.45
CA ASP B 209 0.21 -7.75 15.66
C ASP B 209 0.46 -6.31 16.03
N LEU B 210 0.40 -5.40 15.05
CA LEU B 210 1.10 -4.14 15.15
C LEU B 210 0.25 -2.90 15.40
N HIS B 211 -1.06 -3.06 15.58
CA HIS B 211 -1.95 -1.91 15.71
C HIS B 211 -2.94 -2.01 16.87
N LYS B 212 -2.60 -2.75 17.90
CA LYS B 212 -3.45 -2.76 19.09
C LYS B 212 -3.12 -1.66 20.07
N VAL B 213 -1.84 -1.27 20.11
CA VAL B 213 -1.38 -0.16 20.92
C VAL B 213 -0.42 0.71 20.10
N PRO B 214 -0.09 1.89 20.60
CA PRO B 214 0.88 2.71 19.89
C PRO B 214 2.26 2.09 19.89
N ILE B 215 2.91 2.15 18.72
CA ILE B 215 4.27 1.63 18.52
C ILE B 215 5.10 2.71 17.86
N ASP B 216 6.30 2.95 18.38
CA ASP B 216 7.27 3.86 17.76
C ASP B 216 8.58 3.07 17.61
N TRP B 217 8.95 2.85 16.37
CA TRP B 217 9.97 1.89 16.00
C TRP B 217 11.27 2.63 15.73
N THR B 218 12.40 2.07 16.12
CA THR B 218 13.68 2.65 15.77
C THR B 218 14.68 1.64 15.19
N VAL B 219 15.61 2.15 14.38
CA VAL B 219 16.83 1.44 14.02
C VAL B 219 18.04 2.36 14.26
N GLY B 220 19.23 1.78 14.25
CA GLY B 220 20.44 2.46 14.59
C GLY B 220 20.97 3.24 13.38
N ALA B 221 21.18 4.54 13.56
CA ALA B 221 21.70 5.43 12.50
C ALA B 221 23.00 4.95 11.88
N ALA B 222 23.87 4.38 12.71
CA ALA B 222 25.19 3.97 12.26
C ALA B 222 25.32 2.51 11.82
N GLY B 223 24.26 1.72 11.94
CA GLY B 223 24.28 0.36 11.44
C GLY B 223 24.33 0.43 9.93
N PRO B 224 24.93 -0.60 9.30
CA PRO B 224 24.85 -0.70 7.83
C PRO B 224 23.40 -0.85 7.39
N THR B 225 23.05 -0.07 6.35
CA THR B 225 21.70 -0.05 5.82
C THR B 225 21.13 -1.46 5.68
N GLN B 226 21.98 -2.41 5.32
CA GLN B 226 21.54 -3.76 4.97
C GLN B 226 20.96 -4.48 6.20
N VAL B 227 21.46 -4.15 7.37
CA VAL B 227 21.24 -5.06 8.49
C VAL B 227 19.79 -5.07 9.00
N PHE B 228 19.26 -3.93 9.34
CA PHE B 228 17.82 -4.01 9.76
C PHE B 228 16.96 -3.29 8.72
N PHE B 229 17.36 -3.39 7.46
CA PHE B 229 16.60 -2.81 6.34
C PHE B 229 15.11 -3.15 6.38
N GLU B 230 14.79 -4.41 6.61
CA GLU B 230 13.40 -4.84 6.60
C GLU B 230 12.57 -4.21 7.73
N ASN B 231 13.22 -3.77 8.81
CA ASN B 231 12.51 -3.07 9.87
C ASN B 231 11.91 -1.80 9.28
N VAL B 232 12.69 -1.11 8.45
CA VAL B 232 12.24 0.19 7.90
C VAL B 232 11.07 -0.06 6.92
N VAL B 233 11.18 -1.12 6.16
CA VAL B 233 10.13 -1.54 5.23
C VAL B 233 8.83 -1.91 5.92
N ILE B 234 8.93 -2.76 6.95
CA ILE B 234 7.76 -3.19 7.69
C ILE B 234 7.07 -2.03 8.34
N ALA B 235 7.82 -1.23 9.08
CA ALA B 235 7.22 -0.10 9.78
C ALA B 235 6.55 0.86 8.81
N THR B 236 7.20 1.10 7.69
CA THR B 236 6.67 2.10 6.77
C THR B 236 5.39 1.55 6.10
N ARG B 237 5.41 0.30 5.65
CA ARG B 237 4.25 -0.38 5.06
C ARG B 237 3.06 -0.32 5.98
N GLU B 238 3.32 -0.48 7.27
CA GLU B 238 2.27 -0.48 8.29
C GLU B 238 1.92 0.88 8.88
N SER B 239 2.50 1.97 8.34
CA SER B 239 2.33 3.32 8.87
C SER B 239 2.62 3.42 10.36
N ILE B 240 3.71 2.80 10.77
CA ILE B 240 4.19 2.96 12.12
C ILE B 240 5.32 3.95 12.13
N PRO B 241 5.34 4.91 13.08
CA PRO B 241 6.45 5.85 13.16
C PRO B 241 7.79 5.12 13.27
N ILE B 242 8.71 5.47 12.38
CA ILE B 242 10.03 4.84 12.35
C ILE B 242 11.09 5.93 12.16
N LYS B 243 12.10 5.89 13.02
CA LYS B 243 13.21 6.84 12.88
C LYS B 243 14.50 6.22 13.33
N THR B 244 15.60 6.89 13.06
CA THR B 244 16.87 6.39 13.56
C THR B 244 17.20 6.96 14.92
N LEU B 245 17.98 6.21 15.69
CA LEU B 245 18.65 6.70 16.90
C LEU B 245 20.12 6.70 16.67
N PRO B 246 20.83 7.60 17.34
CA PRO B 246 22.27 7.54 17.29
C PRO B 246 22.81 6.18 17.67
N GLY B 247 23.94 5.81 17.07
CA GLY B 247 24.59 4.55 17.36
C GLY B 247 24.01 3.43 16.52
N PHE B 248 24.12 2.22 17.02
CA PHE B 248 23.75 1.04 16.28
C PHE B 248 22.88 0.16 17.20
N HIS B 249 23.41 -0.95 17.70
CA HIS B 249 22.58 -1.97 18.33
C HIS B 249 22.46 -1.79 19.84
N PHE B 250 23.24 -0.90 20.42
CA PHE B 250 23.21 -0.68 21.88
C PHE B 250 23.16 0.80 22.17
N PRO B 251 22.09 1.49 21.75
CA PRO B 251 22.04 2.90 21.89
C PRO B 251 22.11 3.39 23.32
N TYR B 252 21.59 2.56 24.22
CA TYR B 252 21.63 2.86 25.65
C TYR B 252 23.04 2.85 26.23
N VAL B 253 23.95 2.16 25.56
CA VAL B 253 25.38 2.16 25.91
C VAL B 253 26.15 3.24 25.14
N SER B 254 25.97 3.27 23.83
CA SER B 254 26.76 4.20 22.99
C SER B 254 26.35 5.67 23.12
N HIS B 255 25.06 5.92 23.29
CA HIS B 255 24.55 7.29 23.36
C HIS B 255 23.46 7.45 24.43
N PRO B 256 23.83 7.29 25.70
CA PRO B 256 22.80 7.18 26.76
C PRO B 256 21.88 8.41 26.88
N GLU B 257 22.41 9.62 26.67
CA GLU B 257 21.56 10.82 26.73
C GLU B 257 20.50 10.86 25.62
N ALA B 258 20.93 10.62 24.39
CA ALA B 258 19.98 10.62 23.27
C ALA B 258 18.96 9.49 23.41
N PHE B 259 19.41 8.34 23.92
CA PHE B 259 18.52 7.21 24.19
C PHE B 259 17.45 7.58 25.18
N ALA B 260 17.87 8.20 26.28
CA ALA B 260 16.98 8.57 27.37
C ALA B 260 16.00 9.65 26.91
N LYS B 261 16.49 10.56 26.08
CA LYS B 261 15.64 11.60 25.56
C LYS B 261 14.54 10.97 24.71
N TYR B 262 14.94 10.05 23.84
CA TYR B 262 13.97 9.35 22.99
C TYR B 262 12.88 8.69 23.81
N VAL B 263 13.31 7.89 24.78
CA VAL B 263 12.35 7.17 25.60
C VAL B 263 11.39 8.11 26.33
N VAL B 264 11.95 9.17 26.88
CA VAL B 264 11.14 10.16 27.57
C VAL B 264 10.15 10.93 26.68
N GLU B 265 10.61 11.43 25.54
CA GLU B 265 9.74 12.19 24.65
C GLU B 265 8.68 11.31 24.04
N THR B 266 9.09 10.10 23.65
CA THR B 266 8.13 9.18 23.09
C THR B 266 7.04 8.83 24.10
N THR B 267 7.43 8.49 25.31
CA THR B 267 6.47 8.09 26.35
C THR B 267 5.52 9.27 26.71
N ARG B 268 6.05 10.47 26.74
CA ARG B 268 5.22 11.66 27.01
C ARG B 268 4.10 11.86 26.00
N LYS B 269 4.26 11.38 24.77
CA LYS B 269 3.20 11.41 23.77
C LYS B 269 1.88 10.76 24.19
N TYR B 270 1.97 9.74 25.04
CA TYR B 270 0.86 8.90 25.35
C TYR B 270 0.39 9.04 26.79
N LEU B 271 0.85 10.05 27.50
CA LEU B 271 0.40 10.23 28.90
C LEU B 271 -0.93 10.98 28.96
N GLU C 10 -12.16 17.13 -38.84
CA GLU C 10 -12.44 16.10 -39.87
C GLU C 10 -11.99 14.69 -39.42
N ARG C 11 -12.83 13.73 -39.75
CA ARG C 11 -12.64 12.34 -39.37
C ARG C 11 -12.25 11.55 -40.61
N LEU C 12 -11.09 10.91 -40.58
CA LEU C 12 -10.70 9.93 -41.58
C LEU C 12 -11.44 8.62 -41.33
N ARG C 13 -12.09 8.10 -42.35
CA ARG C 13 -12.76 6.82 -42.26
C ARG C 13 -12.28 5.94 -43.41
N SER C 14 -11.62 4.83 -43.07
CA SER C 14 -10.96 4.05 -44.10
C SER C 14 -10.85 2.59 -43.72
N THR C 15 -10.08 1.86 -44.53
CA THR C 15 -9.82 0.45 -44.30
C THR C 15 -8.35 0.15 -44.52
N ILE C 16 -7.88 -0.90 -43.88
CA ILE C 16 -6.52 -1.36 -44.07
C ILE C 16 -6.50 -2.88 -43.91
N LEU C 17 -5.81 -3.56 -44.81
CA LEU C 17 -5.68 -5.00 -44.72
C LEU C 17 -4.30 -5.28 -44.13
N THR C 18 -4.28 -5.96 -42.98
CA THR C 18 -3.05 -6.32 -42.31
C THR C 18 -2.60 -7.75 -42.64
N LYS C 19 -1.38 -8.07 -42.21
CA LYS C 19 -0.73 -9.32 -42.60
C LYS C 19 -1.40 -10.58 -41.99
N ASP C 20 -2.26 -10.39 -40.99
CA ASP C 20 -3.02 -11.47 -40.43
C ASP C 20 -4.35 -11.70 -41.20
N GLY C 21 -4.54 -10.99 -42.32
CA GLY C 21 -5.71 -11.20 -43.19
C GLY C 21 -6.96 -10.43 -42.79
N ILE C 22 -6.85 -9.61 -41.74
CA ILE C 22 -7.98 -8.83 -41.28
C ILE C 22 -8.13 -7.58 -42.16
N ASN C 23 -9.34 -7.39 -42.68
CA ASN C 23 -9.70 -6.16 -43.41
C ASN C 23 -10.36 -5.19 -42.41
N TRP C 24 -9.53 -4.39 -41.77
CA TRP C 24 -9.99 -3.52 -40.68
C TRP C 24 -10.72 -2.33 -41.25
N TYR C 25 -11.83 -1.96 -40.61
CA TYR C 25 -12.40 -0.63 -40.77
C TYR C 25 -11.88 0.22 -39.63
N TYR C 26 -11.28 1.38 -39.91
CA TYR C 26 -10.76 2.22 -38.83
C TYR C 26 -11.13 3.68 -39.04
N GLU C 27 -11.00 4.48 -37.99
CA GLU C 27 -11.21 5.92 -38.14
C GLU C 27 -10.10 6.62 -37.37
N GLN C 28 -9.79 7.85 -37.79
CA GLN C 28 -8.85 8.70 -37.05
C GLN C 28 -9.29 10.15 -37.08
N GLU C 29 -9.12 10.84 -35.97
CA GLU C 29 -9.39 12.25 -35.93
C GLU C 29 -8.38 12.94 -34.99
N GLY C 30 -7.95 14.14 -35.40
CA GLY C 30 -7.13 15.00 -34.50
C GLY C 30 -5.64 14.92 -34.76
N SER C 31 -4.92 15.73 -33.99
CA SER C 31 -3.47 15.85 -34.05
C SER C 31 -2.98 15.87 -32.63
N GLY C 32 -1.80 15.34 -32.41
CA GLY C 32 -1.21 15.29 -31.10
C GLY C 32 -0.83 13.86 -30.75
N PRO C 33 -0.58 13.62 -29.45
CA PRO C 33 -0.23 12.27 -29.00
C PRO C 33 -1.36 11.29 -29.35
N ASP C 34 -0.99 10.05 -29.57
CA ASP C 34 -1.97 9.06 -30.03
C ASP C 34 -2.77 8.52 -28.84
N VAL C 35 -4.09 8.43 -29.05
CA VAL C 35 -4.99 7.78 -28.15
C VAL C 35 -5.77 6.75 -28.98
N VAL C 36 -5.79 5.52 -28.50
CA VAL C 36 -6.42 4.39 -29.21
C VAL C 36 -7.60 3.96 -28.39
N LEU C 37 -8.77 3.90 -29.02
CA LEU C 37 -10.01 3.50 -28.32
C LEU C 37 -10.44 2.11 -28.81
N ILE C 38 -10.25 1.07 -28.00
CA ILE C 38 -10.58 -0.30 -28.39
C ILE C 38 -12.01 -0.61 -27.97
N PRO C 39 -12.85 -1.06 -28.91
CA PRO C 39 -14.20 -1.40 -28.53
C PRO C 39 -14.35 -2.51 -27.51
N ASP C 40 -15.51 -2.54 -26.86
CA ASP C 40 -15.93 -3.67 -26.07
C ASP C 40 -16.15 -4.87 -27.01
N GLY C 41 -16.55 -5.98 -26.42
CA GLY C 41 -16.69 -7.24 -27.15
C GLY C 41 -17.57 -7.14 -28.39
N LEU C 42 -18.55 -6.23 -28.40
CA LEU C 42 -19.41 -6.16 -29.59
C LEU C 42 -18.71 -5.51 -30.79
N GLY C 43 -17.56 -4.88 -30.57
CA GLY C 43 -16.65 -4.59 -31.65
C GLY C 43 -16.95 -3.39 -32.55
N ASP C 44 -17.90 -2.53 -32.18
CA ASP C 44 -18.36 -1.49 -33.11
C ASP C 44 -17.90 -0.11 -32.68
N CYS C 45 -17.03 0.48 -33.47
CA CYS C 45 -16.40 1.74 -33.07
C CYS C 45 -17.27 2.97 -33.30
N GLN C 46 -18.47 2.76 -33.83
CA GLN C 46 -19.35 3.92 -33.95
C GLN C 46 -19.80 4.36 -32.55
N MET C 47 -19.72 3.46 -31.58
CA MET C 47 -20.00 3.82 -30.23
C MET C 47 -19.09 4.93 -29.68
N PHE C 48 -17.93 5.14 -30.30
CA PHE C 48 -17.00 6.20 -29.87
C PHE C 48 -17.17 7.51 -30.64
N ASP C 49 -18.13 7.57 -31.55
CA ASP C 49 -18.20 8.69 -32.51
C ASP C 49 -18.21 10.07 -31.79
N LYS C 50 -19.09 10.25 -30.82
CA LYS C 50 -19.21 11.54 -30.13
C LYS C 50 -17.98 11.84 -29.29
N PRO C 51 -17.56 10.89 -28.45
CA PRO C 51 -16.42 11.29 -27.60
C PRO C 51 -15.11 11.36 -28.34
N MET C 52 -15.03 10.65 -29.45
CA MET C 52 -13.86 10.76 -30.30
C MET C 52 -13.58 12.18 -30.82
N SER C 53 -14.63 12.87 -31.21
CA SER C 53 -14.51 14.29 -31.54
C SER C 53 -14.04 15.14 -30.36
N ILE C 54 -14.59 14.88 -29.19
CA ILE C 54 -14.25 15.66 -28.01
C ILE C 54 -12.79 15.46 -27.64
N ILE C 55 -12.36 14.20 -27.62
CA ILE C 55 -10.97 13.91 -27.34
C ILE C 55 -10.07 14.54 -28.38
N GLY C 56 -10.38 14.32 -29.65
CA GLY C 56 -9.64 14.88 -30.78
C GLY C 56 -9.46 16.39 -30.59
N SER C 57 -10.51 17.05 -30.11
CA SER C 57 -10.47 18.52 -30.02
C SER C 57 -9.65 19.01 -28.85
N SER C 58 -9.15 18.10 -28.02
CA SER C 58 -8.39 18.46 -26.83
C SER C 58 -6.89 18.26 -27.07
N GLY C 59 -6.52 18.08 -28.34
CA GLY C 59 -5.13 18.01 -28.77
C GLY C 59 -4.55 16.60 -28.79
N PHE C 60 -5.37 15.64 -29.26
CA PHE C 60 -4.94 14.24 -29.40
C PHE C 60 -5.31 13.74 -30.78
N LYS C 61 -4.52 12.80 -31.28
CA LYS C 61 -4.85 12.05 -32.46
C LYS C 61 -5.47 10.75 -32.03
N VAL C 62 -6.77 10.61 -32.30
CA VAL C 62 -7.55 9.47 -31.81
C VAL C 62 -7.77 8.46 -32.93
N THR C 63 -7.42 7.21 -32.65
CA THR C 63 -7.67 6.12 -33.59
C THR C 63 -8.63 5.11 -32.97
N THR C 64 -9.60 4.64 -33.75
CA THR C 64 -10.43 3.51 -33.35
C THR C 64 -10.72 2.65 -34.59
N PHE C 65 -11.41 1.55 -34.36
CA PHE C 65 -11.63 0.55 -35.41
C PHE C 65 -12.68 -0.43 -34.96
N ASP C 66 -13.37 -1.06 -35.92
CA ASP C 66 -14.18 -2.19 -35.60
C ASP C 66 -13.29 -3.40 -35.37
N MET C 67 -13.65 -4.27 -34.42
CA MET C 67 -12.80 -5.40 -34.10
C MET C 67 -12.94 -6.56 -35.10
N PRO C 68 -11.93 -7.45 -35.13
CA PRO C 68 -11.90 -8.45 -36.18
C PRO C 68 -13.13 -9.35 -36.14
N GLY C 69 -13.74 -9.50 -37.30
CA GLY C 69 -14.96 -10.29 -37.42
C GLY C 69 -16.24 -9.53 -37.15
N MET C 70 -16.10 -8.32 -36.59
CA MET C 70 -17.25 -7.57 -36.11
C MET C 70 -17.52 -6.40 -37.07
N SER C 71 -18.82 -6.13 -37.30
CA SER C 71 -19.23 -4.94 -38.01
C SER C 71 -18.45 -4.77 -39.31
N ARG C 72 -17.78 -3.64 -39.53
CA ARG C 72 -17.18 -3.35 -40.82
C ARG C 72 -15.77 -3.94 -40.96
N SER C 73 -15.30 -4.60 -39.91
CA SER C 73 -14.07 -5.41 -39.93
C SER C 73 -14.41 -6.90 -40.01
N SER C 74 -15.60 -7.24 -40.55
CA SER C 74 -16.07 -8.63 -40.50
C SER C 74 -15.32 -9.58 -41.45
N SER C 75 -14.68 -9.02 -42.48
CA SER C 75 -13.82 -9.82 -43.38
C SER C 75 -12.45 -10.09 -42.78
N ALA C 76 -12.37 -11.23 -42.10
CA ALA C 76 -11.19 -11.62 -41.36
C ALA C 76 -11.24 -13.14 -41.21
N PRO C 77 -10.08 -13.76 -41.01
CA PRO C 77 -10.14 -15.21 -40.82
C PRO C 77 -10.88 -15.60 -39.55
N PRO C 78 -11.62 -16.73 -39.58
CA PRO C 78 -12.32 -17.10 -38.36
C PRO C 78 -11.48 -17.12 -37.09
N GLU C 79 -10.22 -17.55 -37.18
CA GLU C 79 -9.39 -17.59 -36.00
C GLU C 79 -9.33 -16.27 -35.23
N THR C 80 -9.43 -15.16 -35.95
CA THR C 80 -9.37 -13.84 -35.32
C THR C 80 -10.58 -13.49 -34.44
N TYR C 81 -11.68 -14.25 -34.57
CA TYR C 81 -12.86 -14.05 -33.74
C TYR C 81 -13.36 -15.35 -33.11
N GLN C 82 -12.47 -16.32 -33.00
CA GLN C 82 -12.75 -17.57 -32.30
C GLN C 82 -11.71 -17.83 -31.24
N ASP C 83 -12.09 -18.45 -30.12
CA ASP C 83 -11.16 -18.68 -29.03
C ASP C 83 -10.36 -17.40 -28.71
N VAL C 84 -11.10 -16.30 -28.59
CA VAL C 84 -10.47 -15.00 -28.43
C VAL C 84 -9.91 -14.80 -27.04
N THR C 85 -8.70 -14.24 -26.99
CA THR C 85 -8.06 -13.87 -25.75
C THR C 85 -7.56 -12.42 -25.85
N GLY C 86 -7.25 -11.85 -24.70
CA GLY C 86 -6.59 -10.55 -24.68
C GLY C 86 -5.27 -10.53 -25.42
N GLN C 87 -4.51 -11.62 -25.31
CA GLN C 87 -3.20 -11.70 -25.96
C GLN C 87 -3.31 -11.78 -27.46
N LYS C 88 -4.32 -12.50 -27.94
CA LYS C 88 -4.56 -12.57 -29.37
C LYS C 88 -4.96 -11.21 -29.94
N LEU C 89 -5.89 -10.53 -29.27
CA LEU C 89 -6.30 -9.22 -29.72
C LEU C 89 -5.16 -8.20 -29.65
N ALA C 90 -4.37 -8.28 -28.59
CA ALA C 90 -3.21 -7.38 -28.43
C ALA C 90 -2.24 -7.51 -29.61
N ASN C 91 -1.97 -8.73 -30.03
CA ASN C 91 -1.14 -8.91 -31.23
C ASN C 91 -1.72 -8.21 -32.45
N TYR C 92 -3.02 -8.42 -32.69
CA TYR C 92 -3.64 -7.80 -33.82
C TYR C 92 -3.57 -6.28 -33.77
N ILE C 93 -3.75 -5.71 -32.58
CA ILE C 93 -3.75 -4.24 -32.43
C ILE C 93 -2.35 -3.66 -32.66
N VAL C 94 -1.34 -4.39 -32.22
CA VAL C 94 0.04 -3.96 -32.49
C VAL C 94 0.33 -3.97 -33.99
N THR C 95 -0.19 -4.95 -34.69
CA THR C 95 -0.02 -5.02 -36.15
C THR C 95 -0.69 -3.85 -36.85
N VAL C 96 -1.88 -3.46 -36.39
CA VAL C 96 -2.54 -2.26 -36.90
C VAL C 96 -1.73 -1.00 -36.62
N MET C 97 -1.34 -0.86 -35.37
CA MET C 97 -0.53 0.27 -34.95
C MET C 97 0.70 0.42 -35.88
N ASP C 98 1.39 -0.69 -36.11
CA ASP C 98 2.56 -0.70 -36.97
C ASP C 98 2.17 -0.15 -38.33
N GLN C 99 1.05 -0.62 -38.90
CA GLN C 99 0.73 -0.27 -40.27
C GLN C 99 0.22 1.17 -40.36
N LEU C 100 -0.33 1.68 -39.27
CA LEU C 100 -0.76 3.09 -39.24
C LEU C 100 0.32 4.04 -38.80
N GLY C 101 1.49 3.50 -38.47
CA GLY C 101 2.59 4.31 -37.98
C GLY C 101 2.45 4.92 -36.61
N ILE C 102 1.66 4.27 -35.76
CA ILE C 102 1.51 4.66 -34.36
C ILE C 102 2.59 4.01 -33.52
N LYS C 103 3.47 4.82 -32.95
CA LYS C 103 4.63 4.29 -32.22
C LYS C 103 4.24 3.97 -30.78
N THR C 104 3.62 4.94 -30.11
CA THR C 104 3.11 4.71 -28.75
C THR C 104 1.71 5.30 -28.66
N ALA C 105 0.92 4.76 -27.74
CA ALA C 105 -0.45 5.26 -27.56
C ALA C 105 -0.93 5.13 -26.14
N SER C 106 -1.88 5.98 -25.81
CA SER C 106 -2.68 5.84 -24.61
C SER C 106 -3.92 5.04 -24.97
N VAL C 107 -4.13 3.91 -24.31
CA VAL C 107 -5.08 2.93 -24.84
C VAL C 107 -6.21 2.73 -23.85
N TRP C 108 -7.45 2.90 -24.34
CA TRP C 108 -8.68 2.64 -23.59
C TRP C 108 -9.31 1.35 -24.09
N GLY C 109 -9.90 0.58 -23.19
CA GLY C 109 -10.79 -0.49 -23.60
C GLY C 109 -11.67 -1.00 -22.49
N CYS C 110 -12.89 -1.44 -22.87
CA CYS C 110 -13.83 -2.03 -21.95
C CYS C 110 -14.00 -3.50 -22.30
N SER C 111 -14.19 -4.32 -21.28
CA SER C 111 -14.53 -5.72 -21.50
C SER C 111 -13.38 -6.48 -22.16
N SER C 112 -13.60 -7.21 -23.24
CA SER C 112 -12.48 -7.79 -23.99
C SER C 112 -11.51 -6.69 -24.48
N GLY C 113 -11.99 -5.48 -24.65
CA GLY C 113 -11.11 -4.35 -24.97
C GLY C 113 -10.19 -4.02 -23.81
N ALA C 114 -10.68 -4.21 -22.59
CA ALA C 114 -9.86 -4.05 -21.39
C ALA C 114 -8.88 -5.20 -21.21
N SER C 115 -9.31 -6.41 -21.52
CA SER C 115 -8.40 -7.57 -21.58
C SER C 115 -7.24 -7.29 -22.50
N THR C 116 -7.55 -6.61 -23.59
CA THR C 116 -6.57 -6.27 -24.61
C THR C 116 -5.61 -5.17 -24.11
N VAL C 117 -6.15 -4.18 -23.42
CA VAL C 117 -5.31 -3.18 -22.74
C VAL C 117 -4.31 -3.87 -21.82
N LEU C 118 -4.79 -4.72 -20.91
CA LEU C 118 -3.83 -5.32 -19.99
C LEU C 118 -2.77 -6.14 -20.72
N ALA C 119 -3.19 -6.89 -21.73
CA ALA C 119 -2.24 -7.69 -22.55
C ALA C 119 -1.24 -6.83 -23.33
N LEU C 120 -1.64 -5.63 -23.71
CA LEU C 120 -0.74 -4.65 -24.30
C LEU C 120 0.23 -4.09 -23.26
N CYS C 121 -0.26 -3.81 -22.06
CA CYS C 121 0.59 -3.22 -21.00
C CYS C 121 1.62 -4.24 -20.57
N SER C 122 1.25 -5.51 -20.58
CA SER C 122 2.15 -6.58 -20.12
C SER C 122 3.14 -6.98 -21.23
N GLY C 123 2.62 -7.20 -22.42
CA GLY C 123 3.39 -7.75 -23.52
C GLY C 123 4.10 -6.77 -24.42
N PHE C 124 3.61 -5.54 -24.47
CA PHE C 124 4.13 -4.50 -25.40
C PHE C 124 4.29 -3.16 -24.69
N PRO C 125 5.02 -3.13 -23.56
CA PRO C 125 5.12 -1.91 -22.77
C PRO C 125 5.74 -0.75 -23.55
N GLU C 126 6.61 -1.04 -24.52
CA GLU C 126 7.18 0.02 -25.33
C GLU C 126 6.13 0.77 -26.12
N ARG C 127 5.00 0.12 -26.42
CA ARG C 127 4.00 0.69 -27.32
C ARG C 127 2.84 1.40 -26.62
N VAL C 128 2.81 1.28 -25.29
CA VAL C 128 1.72 1.82 -24.48
C VAL C 128 2.24 2.93 -23.56
N ARG C 129 1.72 4.14 -23.74
CA ARG C 129 2.04 5.24 -22.82
C ARG C 129 1.40 4.97 -21.47
N ASN C 130 0.10 4.69 -21.50
CA ASN C 130 -0.67 4.43 -20.32
C ASN C 130 -1.93 3.68 -20.71
N GLY C 131 -2.33 2.73 -19.86
CA GLY C 131 -3.50 1.88 -20.12
C GLY C 131 -4.68 2.30 -19.29
N MET C 132 -5.86 2.28 -19.92
CA MET C 132 -7.12 2.63 -19.30
C MET C 132 -8.10 1.46 -19.51
N PRO C 133 -8.00 0.40 -18.68
CA PRO C 133 -8.96 -0.67 -18.76
C PRO C 133 -10.23 -0.32 -17.98
N HIS C 134 -11.35 -0.77 -18.50
CA HIS C 134 -12.68 -0.62 -17.84
C HIS C 134 -13.36 -1.98 -17.87
N GLU C 135 -13.74 -2.49 -16.70
CA GLU C 135 -14.55 -3.70 -16.59
C GLU C 135 -13.93 -4.88 -17.37
N VAL C 136 -12.79 -5.31 -16.83
CA VAL C 136 -12.09 -6.46 -17.32
C VAL C 136 -12.83 -7.72 -16.90
N PRO C 137 -13.16 -8.59 -17.86
CA PRO C 137 -13.81 -9.82 -17.45
C PRO C 137 -12.81 -10.75 -16.77
N THR C 138 -13.15 -11.24 -15.59
CA THR C 138 -12.27 -12.13 -14.86
C THR C 138 -12.88 -13.47 -14.48
N ALA C 139 -14.17 -13.59 -14.66
CA ALA C 139 -14.86 -14.81 -14.33
C ALA C 139 -15.77 -15.18 -15.45
N ASN C 140 -16.10 -16.45 -15.57
CA ASN C 140 -17.01 -16.82 -16.65
C ASN C 140 -18.42 -16.50 -16.19
N PRO C 141 -19.09 -15.61 -16.92
CA PRO C 141 -20.37 -14.92 -16.69
C PRO C 141 -21.56 -15.59 -15.94
N GLU C 142 -21.62 -16.90 -15.74
CA GLU C 142 -22.73 -17.61 -15.05
C GLU C 142 -24.06 -17.52 -15.81
N ASN C 143 -24.69 -16.36 -15.86
CA ASN C 143 -25.90 -16.15 -16.64
C ASN C 143 -25.76 -16.37 -18.18
N LEU C 144 -24.55 -16.32 -18.71
CA LEU C 144 -24.30 -16.57 -20.11
C LEU C 144 -23.53 -17.85 -20.24
N GLN C 145 -23.63 -18.73 -19.25
CA GLN C 145 -22.83 -19.95 -19.32
C GLN C 145 -23.02 -20.89 -20.51
N ASN C 146 -24.20 -20.89 -21.12
CA ASN C 146 -24.38 -21.71 -22.30
C ASN C 146 -24.78 -20.92 -23.54
N ILE C 147 -24.55 -19.60 -23.54
CA ILE C 147 -24.97 -18.75 -24.67
C ILE C 147 -24.42 -19.25 -26.01
N HIS C 148 -23.21 -19.80 -26.00
CA HIS C 148 -22.61 -20.45 -27.19
C HIS C 148 -23.43 -21.59 -27.81
N ASP C 149 -24.26 -22.25 -27.00
CA ASP C 149 -25.04 -23.39 -27.47
C ASP C 149 -26.39 -23.01 -28.08
N ALA C 150 -26.87 -21.79 -27.86
CA ALA C 150 -28.19 -21.42 -28.36
C ALA C 150 -28.15 -21.20 -29.89
N ASP C 151 -29.32 -21.29 -30.55
CA ASP C 151 -29.39 -20.98 -31.97
C ASP C 151 -29.15 -19.48 -32.20
N PRO C 152 -28.63 -19.11 -33.39
CA PRO C 152 -28.21 -17.75 -33.60
C PRO C 152 -29.28 -16.71 -33.32
N ALA C 153 -30.50 -16.92 -33.78
CA ALA C 153 -31.51 -15.89 -33.58
C ALA C 153 -31.80 -15.69 -32.09
N THR C 154 -31.75 -16.74 -31.28
CA THR C 154 -31.92 -16.61 -29.85
C THR C 154 -30.73 -15.86 -29.22
N ILE C 155 -29.53 -16.19 -29.66
CA ILE C 155 -28.36 -15.49 -29.16
C ILE C 155 -28.54 -13.98 -29.41
N SER C 156 -28.82 -13.61 -30.65
CA SER C 156 -28.93 -12.20 -31.00
C SER C 156 -29.94 -11.50 -30.13
N ARG C 157 -31.15 -12.08 -29.97
CA ARG C 157 -32.13 -11.48 -29.04
C ARG C 157 -31.64 -11.36 -27.60
N ASP C 158 -31.05 -12.43 -27.06
CA ASP C 158 -30.76 -12.44 -25.65
C ASP C 158 -29.59 -11.47 -25.42
N MET C 159 -28.66 -11.40 -26.38
CA MET C 159 -27.47 -10.52 -26.17
C MET C 159 -27.81 -9.03 -26.45
N ALA C 160 -28.79 -8.80 -27.31
CA ALA C 160 -29.33 -7.43 -27.49
C ALA C 160 -29.99 -6.93 -26.20
N ALA C 161 -30.65 -7.83 -25.50
CA ALA C 161 -31.32 -7.47 -24.25
C ALA C 161 -30.30 -7.18 -23.15
N VAL C 162 -29.32 -8.04 -23.03
CA VAL C 162 -28.26 -7.90 -22.02
C VAL C 162 -27.48 -6.61 -22.26
N SER C 163 -27.14 -6.36 -23.51
CA SER C 163 -26.35 -5.18 -23.88
C SER C 163 -27.10 -3.91 -23.57
N ARG C 164 -28.38 -3.86 -23.90
CA ARG C 164 -29.14 -2.66 -23.55
C ARG C 164 -29.22 -2.44 -22.04
N ALA C 165 -29.40 -3.53 -21.32
CA ALA C 165 -29.47 -3.49 -19.89
C ALA C 165 -28.15 -3.06 -19.25
N MET C 166 -27.05 -3.32 -19.93
CA MET C 166 -25.75 -2.89 -19.38
C MET C 166 -25.36 -1.47 -19.82
N SER C 167 -26.22 -0.81 -20.58
CA SER C 167 -25.90 0.53 -21.09
C SER C 167 -26.07 1.61 -20.02
N ALA C 168 -26.99 1.37 -19.09
CA ALA C 168 -27.39 2.34 -18.06
C ALA C 168 -27.86 3.66 -18.63
N ASN C 169 -28.15 3.70 -19.91
CA ASN C 169 -28.84 4.86 -20.50
C ASN C 169 -29.50 4.36 -21.78
N GLU C 170 -30.73 3.89 -21.63
CA GLU C 170 -31.43 3.20 -22.71
C GLU C 170 -31.69 4.13 -23.88
N GLU C 171 -32.00 5.39 -23.59
CA GLU C 171 -32.14 6.36 -24.66
C GLU C 171 -30.91 6.51 -25.50
N ALA C 172 -29.75 6.66 -24.83
CA ALA C 172 -28.50 6.84 -25.57
C ALA C 172 -28.12 5.58 -26.33
N TRP C 173 -28.39 4.43 -25.74
CA TRP C 173 -28.17 3.16 -26.44
C TRP C 173 -29.01 3.02 -27.72
N ASP C 174 -30.28 3.37 -27.60
CA ASP C 174 -31.15 3.29 -28.77
C ASP C 174 -30.73 4.32 -29.82
N ALA C 175 -30.27 5.49 -29.34
CA ALA C 175 -29.87 6.58 -30.23
C ALA C 175 -28.59 6.33 -31.00
N LEU C 176 -27.90 5.23 -30.73
CA LEU C 176 -26.83 4.82 -31.63
C LEU C 176 -27.33 4.65 -33.03
N GLY C 177 -28.62 4.34 -33.16
CA GLY C 177 -29.27 4.32 -34.44
C GLY C 177 -29.33 3.01 -35.17
N PRO C 178 -30.05 3.01 -36.32
CA PRO C 178 -30.41 1.75 -36.95
C PRO C 178 -29.24 1.05 -37.61
N GLU C 179 -28.25 1.82 -38.07
CA GLU C 179 -27.14 1.21 -38.73
C GLU C 179 -26.34 0.42 -37.71
N VAL C 180 -26.04 1.02 -36.56
CA VAL C 180 -25.32 0.33 -35.52
C VAL C 180 -26.08 -0.92 -35.06
N HIS C 181 -27.39 -0.79 -34.85
CA HIS C 181 -28.13 -1.90 -34.25
C HIS C 181 -28.39 -3.00 -35.26
N GLU C 182 -28.27 -2.66 -36.53
CA GLU C 182 -28.27 -3.72 -37.58
C GLU C 182 -26.94 -4.48 -37.59
N ARG C 183 -25.83 -3.75 -37.44
CA ARG C 183 -24.52 -4.39 -37.44
C ARG C 183 -24.36 -5.29 -36.23
N LEU C 184 -24.88 -4.83 -35.10
CA LEU C 184 -24.74 -5.62 -33.86
C LEU C 184 -25.40 -6.98 -33.91
N ARG C 185 -26.48 -7.16 -34.67
CA ARG C 185 -27.16 -8.46 -34.65
C ARG C 185 -26.23 -9.62 -35.00
N ASP C 186 -25.43 -9.48 -36.06
CA ASP C 186 -24.50 -10.55 -36.39
C ASP C 186 -23.34 -10.62 -35.42
N ASN C 187 -22.92 -9.46 -34.93
CA ASN C 187 -21.82 -9.47 -34.00
C ASN C 187 -22.17 -10.27 -32.76
N TYR C 188 -23.41 -10.16 -32.30
CA TYR C 188 -23.79 -10.84 -31.05
C TYR C 188 -23.45 -12.34 -31.11
N VAL C 189 -23.75 -12.96 -32.24
CA VAL C 189 -23.55 -14.38 -32.45
C VAL C 189 -22.05 -14.72 -32.48
N ARG C 190 -21.26 -13.97 -33.25
CA ARG C 190 -19.81 -14.20 -33.27
C ARG C 190 -19.19 -14.01 -31.90
N TRP C 191 -19.62 -12.97 -31.20
CA TRP C 191 -19.17 -12.71 -29.85
C TRP C 191 -19.46 -13.91 -28.96
N ALA C 192 -20.70 -14.42 -29.01
CA ALA C 192 -21.07 -15.51 -28.12
C ALA C 192 -20.18 -16.74 -28.34
N TYR C 193 -19.94 -17.06 -29.61
CA TYR C 193 -19.15 -18.25 -29.98
C TYR C 193 -17.66 -18.05 -29.65
N GLY C 194 -17.16 -16.82 -29.69
CA GLY C 194 -15.72 -16.60 -29.63
C GLY C 194 -15.13 -16.00 -28.39
N TYR C 195 -15.96 -15.38 -27.56
CA TYR C 195 -15.47 -14.54 -26.46
C TYR C 195 -15.69 -15.06 -25.01
N PRO C 196 -16.94 -15.30 -24.57
CA PRO C 196 -17.12 -15.47 -23.12
C PRO C 196 -16.44 -16.71 -22.50
N ARG C 197 -16.22 -17.74 -23.30
CA ARG C 197 -15.54 -18.95 -22.82
C ARG C 197 -14.04 -18.81 -22.65
N THR C 198 -13.43 -17.82 -23.33
CA THR C 198 -11.99 -17.71 -23.34
C THR C 198 -11.41 -16.38 -22.84
N ILE C 199 -12.16 -15.30 -23.03
CA ILE C 199 -11.69 -13.97 -22.60
C ILE C 199 -11.39 -13.88 -21.12
N PRO C 200 -12.27 -14.39 -20.25
CA PRO C 200 -12.03 -14.16 -18.83
C PRO C 200 -10.76 -14.84 -18.32
N GLY C 201 -10.55 -16.09 -18.72
CA GLY C 201 -9.35 -16.81 -18.33
C GLY C 201 -8.06 -16.24 -18.87
N SER C 202 -8.13 -15.36 -19.88
CA SER C 202 -6.95 -14.72 -20.45
C SER C 202 -6.52 -13.43 -19.74
N ALA C 203 -7.26 -13.01 -18.71
CA ALA C 203 -6.99 -11.70 -18.09
C ALA C 203 -5.54 -11.65 -17.62
N ALA C 204 -4.83 -10.58 -18.00
CA ALA C 204 -3.43 -10.41 -17.64
C ALA C 204 -3.37 -9.64 -16.32
N THR C 205 -3.73 -10.30 -15.23
CA THR C 205 -3.92 -9.67 -13.94
C THR C 205 -2.90 -10.12 -12.87
N LYS C 206 -1.85 -10.78 -13.30
CA LYS C 206 -0.75 -11.11 -12.38
C LYS C 206 0.06 -9.86 -12.06
N THR C 207 0.64 -9.83 -10.87
CA THR C 207 1.52 -8.71 -10.54
C THR C 207 2.49 -8.35 -11.68
N GLU C 208 3.14 -9.37 -12.24
CA GLU C 208 4.13 -9.16 -13.30
C GLU C 208 3.53 -8.53 -14.55
N ASP C 209 2.21 -8.65 -14.75
CA ASP C 209 1.54 -8.04 -15.87
C ASP C 209 1.32 -6.55 -15.74
N LEU C 210 1.29 -6.03 -14.51
CA LEU C 210 0.58 -4.79 -14.22
C LEU C 210 1.43 -3.58 -13.87
N HIS C 211 2.76 -3.69 -13.94
CA HIS C 211 3.62 -2.64 -13.42
C HIS C 211 4.73 -2.23 -14.39
N LYS C 212 4.47 -2.37 -15.69
CA LYS C 212 5.42 -1.94 -16.71
C LYS C 212 5.12 -0.60 -17.32
N VAL C 213 3.84 -0.22 -17.27
CA VAL C 213 3.41 1.09 -17.71
C VAL C 213 2.27 1.52 -16.76
N PRO C 214 1.99 2.82 -16.71
CA PRO C 214 0.95 3.29 -15.80
C PRO C 214 -0.40 2.79 -16.27
N ILE C 215 -1.20 2.34 -15.30
CA ILE C 215 -2.59 1.91 -15.55
C ILE C 215 -3.52 2.74 -14.67
N ASP C 216 -4.66 3.16 -15.26
CA ASP C 216 -5.74 3.78 -14.52
C ASP C 216 -7.04 3.02 -14.86
N TRP C 217 -7.57 2.33 -13.84
CA TRP C 217 -8.60 1.30 -14.02
C TRP C 217 -9.95 1.93 -13.64
N THR C 218 -11.00 1.53 -14.34
CA THR C 218 -12.33 2.03 -14.00
C THR C 218 -13.37 0.92 -14.06
N VAL C 219 -14.41 1.06 -13.25
CA VAL C 219 -15.60 0.26 -13.40
C VAL C 219 -16.82 1.19 -13.42
N GLY C 220 -17.95 0.67 -13.88
CA GLY C 220 -19.19 1.47 -13.98
C GLY C 220 -19.88 1.69 -12.63
N ALA C 221 -20.14 2.95 -12.31
CA ALA C 221 -20.87 3.33 -11.07
C ALA C 221 -22.21 2.61 -10.93
N ALA C 222 -22.91 2.45 -12.05
CA ALA C 222 -24.26 1.93 -12.04
C ALA C 222 -24.35 0.42 -12.24
N GLY C 223 -23.25 -0.26 -12.47
CA GLY C 223 -23.31 -1.71 -12.60
C GLY C 223 -23.54 -2.30 -11.23
N PRO C 224 -24.19 -3.48 -11.15
CA PRO C 224 -24.31 -4.15 -9.88
C PRO C 224 -22.93 -4.46 -9.34
N THR C 225 -22.78 -4.33 -8.03
CA THR C 225 -21.50 -4.49 -7.37
C THR C 225 -20.81 -5.81 -7.68
N GLN C 226 -21.59 -6.87 -7.78
CA GLN C 226 -21.09 -8.22 -8.01
C GLN C 226 -20.37 -8.34 -9.37
N VAL C 227 -20.76 -7.55 -10.37
CA VAL C 227 -20.30 -7.89 -11.73
C VAL C 227 -18.79 -7.70 -11.95
N PHE C 228 -18.30 -6.53 -11.66
CA PHE C 228 -16.85 -6.32 -11.79
C PHE C 228 -16.21 -6.06 -10.45
N PHE C 229 -16.80 -6.65 -9.41
CA PHE C 229 -16.28 -6.59 -8.06
C PHE C 229 -14.77 -6.91 -8.04
N GLU C 230 -14.40 -8.01 -8.69
CA GLU C 230 -12.98 -8.45 -8.63
C GLU C 230 -12.00 -7.43 -9.27
N ASN C 231 -12.48 -6.58 -10.18
CA ASN C 231 -11.63 -5.52 -10.74
C ASN C 231 -11.15 -4.60 -9.59
N VAL C 232 -12.09 -4.23 -8.72
CA VAL C 232 -11.77 -3.30 -7.63
C VAL C 232 -10.74 -3.94 -6.67
N VAL C 233 -10.90 -5.23 -6.40
CA VAL C 233 -10.01 -5.99 -5.54
C VAL C 233 -8.63 -6.05 -6.16
N ILE C 234 -8.57 -6.39 -7.43
CA ILE C 234 -7.24 -6.54 -8.08
C ILE C 234 -6.50 -5.21 -8.14
N ALA C 235 -7.18 -4.16 -8.63
CA ALA C 235 -6.54 -2.87 -8.72
C ALA C 235 -6.06 -2.39 -7.36
N THR C 236 -6.93 -2.52 -6.34
CA THR C 236 -6.57 -2.02 -5.03
C THR C 236 -5.37 -2.80 -4.46
N ARG C 237 -5.38 -4.11 -4.59
CA ARG C 237 -4.29 -4.90 -4.06
C ARG C 237 -2.98 -4.59 -4.78
N GLU C 238 -3.07 -4.15 -6.03
CA GLU C 238 -1.89 -3.77 -6.79
C GLU C 238 -1.51 -2.30 -6.71
N SER C 239 -2.21 -1.49 -5.87
CA SER C 239 -2.01 -0.04 -5.83
C SER C 239 -2.07 0.61 -7.20
N ILE C 240 -3.01 0.14 -8.02
CA ILE C 240 -3.34 0.79 -9.28
C ILE C 240 -4.55 1.70 -9.07
N PRO C 241 -4.50 2.94 -9.54
CA PRO C 241 -5.65 3.81 -9.41
C PRO C 241 -6.95 3.21 -9.94
N ILE C 242 -8.01 3.26 -9.13
CA ILE C 242 -9.28 2.67 -9.51
C ILE C 242 -10.40 3.63 -9.13
N LYS C 243 -11.28 3.93 -10.07
CA LYS C 243 -12.44 4.70 -9.72
C LYS C 243 -13.64 4.28 -10.53
N THR C 244 -14.78 4.91 -10.26
CA THR C 244 -15.98 4.64 -11.06
C THR C 244 -16.08 5.73 -12.10
N LEU C 245 -16.65 5.35 -13.24
CA LEU C 245 -17.18 6.28 -14.20
C LEU C 245 -18.71 6.22 -14.16
N PRO C 246 -19.33 7.31 -14.59
CA PRO C 246 -20.79 7.27 -14.70
C PRO C 246 -21.23 6.14 -15.62
N GLY C 247 -22.45 5.66 -15.42
CA GLY C 247 -22.98 4.58 -16.26
C GLY C 247 -22.43 3.23 -15.85
N PHE C 248 -22.39 2.32 -16.82
CA PHE C 248 -22.09 0.91 -16.54
C PHE C 248 -21.09 0.47 -17.60
N HIS C 249 -21.52 -0.30 -18.61
CA HIS C 249 -20.55 -1.02 -19.47
C HIS C 249 -20.20 -0.26 -20.75
N PHE C 250 -20.90 0.84 -21.03
CA PHE C 250 -20.68 1.57 -22.26
C PHE C 250 -20.65 3.06 -21.92
N PRO C 251 -19.66 3.47 -21.11
CA PRO C 251 -19.68 4.87 -20.67
C PRO C 251 -19.53 5.85 -21.84
N TYR C 252 -18.80 5.45 -22.88
CA TYR C 252 -18.63 6.26 -24.07
C TYR C 252 -19.97 6.51 -24.78
N VAL C 253 -20.93 5.62 -24.56
CA VAL C 253 -22.32 5.82 -25.06
C VAL C 253 -23.21 6.57 -24.06
N SER C 254 -23.26 6.11 -22.83
CA SER C 254 -24.14 6.66 -21.82
C SER C 254 -23.78 8.08 -21.40
N HIS C 255 -22.48 8.36 -21.36
CA HIS C 255 -21.95 9.60 -20.77
C HIS C 255 -20.74 10.07 -21.58
N PRO C 256 -20.94 10.42 -22.84
CA PRO C 256 -19.80 10.72 -23.69
C PRO C 256 -18.92 11.87 -23.20
N GLU C 257 -19.53 12.92 -22.66
CA GLU C 257 -18.71 14.02 -22.15
C GLU C 257 -17.84 13.61 -20.97
N ALA C 258 -18.41 12.88 -20.01
CA ALA C 258 -17.67 12.44 -18.85
C ALA C 258 -16.60 11.46 -19.27
N PHE C 259 -16.97 10.59 -20.20
CA PHE C 259 -15.96 9.66 -20.74
C PHE C 259 -14.77 10.34 -21.39
N ALA C 260 -15.02 11.31 -22.28
CA ALA C 260 -13.98 12.01 -22.99
C ALA C 260 -13.10 12.80 -22.01
N LYS C 261 -13.73 13.47 -21.06
CA LYS C 261 -12.98 14.13 -19.98
C LYS C 261 -12.03 13.19 -19.24
N TYR C 262 -12.53 12.04 -18.81
CA TYR C 262 -11.70 11.03 -18.17
C TYR C 262 -10.51 10.64 -19.06
N VAL C 263 -10.76 10.29 -20.31
CA VAL C 263 -9.66 9.92 -21.21
C VAL C 263 -8.59 11.02 -21.34
N VAL C 264 -9.08 12.24 -21.55
CA VAL C 264 -8.22 13.40 -21.70
C VAL C 264 -7.42 13.70 -20.45
N GLU C 265 -8.08 13.74 -19.28
CA GLU C 265 -7.38 14.13 -18.08
C GLU C 265 -6.39 13.07 -17.65
N THR C 266 -6.80 11.81 -17.80
CA THR C 266 -5.93 10.70 -17.47
C THR C 266 -4.68 10.64 -18.35
N THR C 267 -4.85 10.74 -19.66
CA THR C 267 -3.73 10.80 -20.59
C THR C 267 -2.78 11.98 -20.30
N ARG C 268 -3.35 13.13 -19.97
CA ARG C 268 -2.54 14.28 -19.61
C ARG C 268 -1.63 14.08 -18.42
N LYS C 269 -1.93 13.13 -17.53
CA LYS C 269 -1.04 12.82 -16.42
C LYS C 269 0.33 12.31 -16.88
N TYR C 270 0.39 11.79 -18.10
CA TYR C 270 1.59 11.09 -18.57
C TYR C 270 2.30 11.76 -19.72
N LEU C 271 2.04 13.06 -19.88
CA LEU C 271 2.69 13.83 -20.89
C LEU C 271 3.77 14.72 -20.22
N GLU D 10 -37.48 -20.85 21.76
CA GLU D 10 -38.30 -19.77 22.39
C GLU D 10 -37.60 -18.41 22.36
N ARG D 11 -38.35 -17.41 21.91
CA ARG D 11 -37.88 -16.02 21.77
C ARG D 11 -38.33 -15.20 22.99
N LEU D 12 -37.36 -14.72 23.76
CA LEU D 12 -37.62 -13.73 24.78
C LEU D 12 -37.75 -12.34 24.14
N ARG D 13 -38.82 -11.63 24.49
CA ARG D 13 -39.05 -10.27 24.01
C ARG D 13 -39.33 -9.40 25.22
N SER D 14 -38.48 -8.41 25.46
CA SER D 14 -38.56 -7.63 26.68
C SER D 14 -38.04 -6.23 26.49
N THR D 15 -38.09 -5.46 27.58
CA THR D 15 -37.48 -4.16 27.62
C THR D 15 -36.50 -4.09 28.76
N ILE D 16 -35.51 -3.23 28.62
CA ILE D 16 -34.56 -2.97 29.67
C ILE D 16 -34.11 -1.51 29.70
N LEU D 17 -34.22 -0.87 30.87
CA LEU D 17 -33.74 0.49 31.07
C LEU D 17 -32.30 0.46 31.51
N THR D 18 -31.43 1.02 30.67
CA THR D 18 -30.03 1.14 31.01
C THR D 18 -29.69 2.44 31.69
N LYS D 19 -28.47 2.49 32.21
CA LYS D 19 -28.02 3.62 33.00
C LYS D 19 -27.88 4.91 32.20
N ASP D 20 -27.80 4.81 30.89
CA ASP D 20 -27.73 6.02 30.08
C ASP D 20 -29.13 6.57 29.74
N GLY D 21 -30.16 5.96 30.29
CA GLY D 21 -31.51 6.46 30.12
C GLY D 21 -32.28 5.96 28.90
N ILE D 22 -31.74 4.96 28.21
CA ILE D 22 -32.47 4.33 27.10
C ILE D 22 -33.34 3.20 27.60
N ASN D 23 -34.63 3.24 27.27
CA ASN D 23 -35.48 2.11 27.45
C ASN D 23 -35.49 1.23 26.22
N TRP D 24 -34.58 0.25 26.21
CA TRP D 24 -34.44 -0.66 25.08
C TRP D 24 -35.54 -1.70 24.97
N TYR D 25 -36.02 -1.91 23.74
CA TYR D 25 -36.73 -3.12 23.39
C TYR D 25 -35.71 -4.09 22.82
N TYR D 26 -35.63 -5.30 23.39
CA TYR D 26 -34.66 -6.30 22.93
C TYR D 26 -35.26 -7.69 22.86
N GLU D 27 -34.63 -8.54 22.04
CA GLU D 27 -35.05 -9.94 21.88
C GLU D 27 -33.84 -10.86 22.00
N GLN D 28 -34.09 -12.07 22.51
CA GLN D 28 -33.02 -13.06 22.60
C GLN D 28 -33.59 -14.44 22.26
N GLU D 29 -32.76 -15.27 21.65
CA GLU D 29 -33.19 -16.61 21.27
C GLU D 29 -31.99 -17.50 21.19
N GLY D 30 -32.14 -18.70 21.75
CA GLY D 30 -31.16 -19.75 21.58
C GLY D 30 -30.14 -19.77 22.68
N SER D 31 -29.13 -20.62 22.48
CA SER D 31 -28.18 -20.97 23.51
C SER D 31 -26.86 -21.32 22.84
N GLY D 32 -25.76 -20.86 23.43
CA GLY D 32 -24.47 -20.90 22.79
C GLY D 32 -23.69 -19.61 22.99
N PRO D 33 -22.56 -19.48 22.27
CA PRO D 33 -21.84 -18.22 22.22
C PRO D 33 -22.75 -17.10 21.68
N ASP D 34 -22.40 -15.88 22.04
CA ASP D 34 -23.27 -14.72 21.82
C ASP D 34 -23.04 -14.16 20.42
N VAL D 35 -24.13 -14.07 19.67
CA VAL D 35 -24.21 -13.27 18.45
C VAL D 35 -25.13 -12.06 18.71
N VAL D 36 -24.64 -10.85 18.42
CA VAL D 36 -25.44 -9.62 18.47
C VAL D 36 -25.75 -9.09 17.08
N LEU D 37 -27.02 -8.89 16.77
CA LEU D 37 -27.43 -8.37 15.47
C LEU D 37 -27.86 -6.91 15.61
N ILE D 38 -27.03 -5.99 15.12
CA ILE D 38 -27.37 -4.56 15.21
C ILE D 38 -28.14 -4.13 13.98
N PRO D 39 -29.31 -3.48 14.19
CA PRO D 39 -30.00 -3.00 13.02
C PRO D 39 -29.26 -1.97 12.18
N ASP D 40 -29.71 -1.87 10.94
CA ASP D 40 -29.45 -0.70 10.08
C ASP D 40 -30.04 0.59 10.67
N GLY D 41 -29.85 1.71 10.00
CA GLY D 41 -30.20 2.98 10.61
C GLY D 41 -31.68 3.16 10.95
N LEU D 42 -32.54 2.40 10.28
CA LEU D 42 -33.96 2.45 10.59
C LEU D 42 -34.29 1.83 11.96
N GLY D 43 -33.41 0.96 12.45
CA GLY D 43 -33.37 0.65 13.87
C GLY D 43 -34.41 -0.36 14.33
N ASP D 44 -35.00 -1.11 13.39
CA ASP D 44 -36.08 -2.05 13.75
C ASP D 44 -35.65 -3.49 13.66
N CYS D 45 -35.62 -4.16 14.80
CA CYS D 45 -35.09 -5.53 14.86
C CYS D 45 -36.06 -6.60 14.40
N GLN D 46 -37.29 -6.25 14.10
CA GLN D 46 -38.19 -7.22 13.53
C GLN D 46 -37.67 -7.70 12.16
N MET D 47 -36.84 -6.89 11.50
CA MET D 47 -36.22 -7.30 10.23
C MET D 47 -35.30 -8.52 10.40
N PHE D 48 -34.89 -8.81 11.64
CA PHE D 48 -34.08 -9.99 11.94
C PHE D 48 -34.88 -11.26 12.34
N ASP D 49 -36.20 -11.16 12.38
CA ASP D 49 -37.02 -12.21 13.02
C ASP D 49 -36.68 -13.59 12.46
N LYS D 50 -36.78 -13.73 11.15
CA LYS D 50 -36.55 -15.01 10.47
C LYS D 50 -35.13 -15.52 10.69
N PRO D 51 -34.11 -14.70 10.33
CA PRO D 51 -32.77 -15.27 10.46
C PRO D 51 -32.34 -15.44 11.90
N MET D 52 -32.97 -14.71 12.82
CA MET D 52 -32.62 -14.89 14.21
C MET D 52 -32.92 -16.32 14.67
N SER D 53 -34.04 -16.87 14.17
CA SER D 53 -34.41 -18.25 14.48
C SER D 53 -33.39 -19.23 13.89
N ILE D 54 -33.00 -18.98 12.64
CA ILE D 54 -32.04 -19.85 11.98
C ILE D 54 -30.72 -19.87 12.71
N ILE D 55 -30.19 -18.69 13.04
CA ILE D 55 -28.91 -18.59 13.74
C ILE D 55 -29.01 -19.17 15.16
N GLY D 56 -30.13 -18.93 15.82
CA GLY D 56 -30.39 -19.51 17.13
C GLY D 56 -30.28 -21.03 17.08
N SER D 57 -30.97 -21.61 16.10
CA SER D 57 -31.00 -23.06 15.93
C SER D 57 -29.64 -23.71 15.70
N SER D 58 -28.64 -22.91 15.31
CA SER D 58 -27.32 -23.43 14.96
C SER D 58 -26.35 -23.39 16.12
N GLY D 59 -26.87 -23.17 17.33
CA GLY D 59 -26.03 -23.25 18.52
C GLY D 59 -25.45 -21.94 18.98
N PHE D 60 -26.25 -20.87 18.83
CA PHE D 60 -25.84 -19.54 19.26
C PHE D 60 -26.94 -18.89 20.09
N LYS D 61 -26.52 -18.03 21.01
CA LYS D 61 -27.44 -17.13 21.70
C LYS D 61 -27.43 -15.79 20.95
N VAL D 62 -28.54 -15.53 20.28
CA VAL D 62 -28.70 -14.31 19.49
C VAL D 62 -29.44 -13.23 20.27
N THR D 63 -28.84 -12.04 20.32
CA THR D 63 -29.47 -10.87 20.95
C THR D 63 -29.65 -9.82 19.87
N THR D 64 -30.81 -9.19 19.84
CA THR D 64 -31.00 -8.01 18.98
C THR D 64 -31.91 -7.02 19.73
N PHE D 65 -32.16 -5.87 19.10
CA PHE D 65 -32.85 -4.79 19.81
C PHE D 65 -33.20 -3.71 18.81
N ASP D 66 -34.27 -2.96 19.08
CA ASP D 66 -34.53 -1.72 18.35
C ASP D 66 -33.54 -0.66 18.82
N MET D 67 -33.07 0.17 17.90
CA MET D 67 -32.02 1.12 18.20
C MET D 67 -32.60 2.31 18.95
N PRO D 68 -31.73 3.05 19.67
CA PRO D 68 -32.26 4.11 20.55
C PRO D 68 -33.02 5.16 19.77
N GLY D 69 -34.24 5.43 20.24
CA GLY D 69 -35.05 6.45 19.56
C GLY D 69 -35.96 5.86 18.51
N MET D 70 -35.70 4.62 18.11
CA MET D 70 -36.41 4.00 17.00
C MET D 70 -37.40 2.96 17.51
N SER D 71 -38.55 2.91 16.81
CA SER D 71 -39.52 1.84 17.01
C SER D 71 -39.79 1.64 18.51
N ARG D 72 -39.60 0.45 19.03
CA ARG D 72 -39.98 0.13 20.42
C ARG D 72 -38.92 0.54 21.44
N SER D 73 -37.80 1.09 20.95
CA SER D 73 -36.77 1.70 21.77
C SER D 73 -36.88 3.23 21.70
N SER D 74 -38.05 3.75 21.34
CA SER D 74 -38.15 5.20 21.14
C SER D 74 -38.09 6.02 22.41
N SER D 75 -38.30 5.39 23.57
CA SER D 75 -38.12 6.09 24.82
C SER D 75 -36.65 6.16 25.21
N ALA D 76 -36.02 7.22 24.75
CA ALA D 76 -34.58 7.38 24.78
C ALA D 76 -34.22 8.85 24.84
N PRO D 77 -33.08 9.19 25.46
CA PRO D 77 -32.64 10.57 25.50
C PRO D 77 -32.35 11.15 24.10
N PRO D 78 -32.68 12.42 23.84
CA PRO D 78 -32.46 12.91 22.48
C PRO D 78 -31.02 12.66 21.97
N GLU D 79 -30.01 12.81 22.83
CA GLU D 79 -28.62 12.77 22.38
C GLU D 79 -28.27 11.41 21.79
N THR D 80 -29.07 10.42 22.13
CA THR D 80 -28.93 9.03 21.70
C THR D 80 -29.41 8.78 20.25
N TYR D 81 -30.18 9.72 19.70
CA TYR D 81 -30.67 9.64 18.33
C TYR D 81 -30.48 10.95 17.52
N GLN D 82 -29.65 11.85 18.04
CA GLN D 82 -29.26 13.11 17.38
C GLN D 82 -27.75 13.19 17.26
N ASP D 83 -27.25 13.77 16.16
CA ASP D 83 -25.80 13.83 15.92
C ASP D 83 -25.16 12.47 16.20
N VAL D 84 -25.72 11.45 15.57
CA VAL D 84 -25.36 10.09 15.90
C VAL D 84 -24.05 9.73 15.20
N THR D 85 -23.21 9.00 15.91
CA THR D 85 -21.95 8.47 15.37
C THR D 85 -21.86 7.01 15.71
N GLY D 86 -21.00 6.29 15.00
CA GLY D 86 -20.69 4.93 15.39
C GLY D 86 -20.17 4.82 16.81
N GLN D 87 -19.38 5.81 17.24
CA GLN D 87 -18.75 5.77 18.57
C GLN D 87 -19.81 5.90 19.69
N LYS D 88 -20.77 6.81 19.51
CA LYS D 88 -21.90 6.89 20.48
C LYS D 88 -22.70 5.60 20.54
N LEU D 89 -23.03 5.05 19.38
CA LEU D 89 -23.86 3.86 19.35
C LEU D 89 -23.12 2.69 19.96
N ALA D 90 -21.79 2.63 19.78
CA ALA D 90 -21.01 1.59 20.41
C ALA D 90 -21.10 1.65 21.93
N ASN D 91 -20.88 2.84 22.47
CA ASN D 91 -21.04 3.10 23.91
C ASN D 91 -22.36 2.53 24.42
N TYR D 92 -23.44 2.85 23.72
CA TYR D 92 -24.77 2.40 24.18
C TYR D 92 -24.87 0.90 24.14
N ILE D 93 -24.28 0.29 23.11
CA ILE D 93 -24.39 -1.16 22.96
C ILE D 93 -23.53 -1.85 24.01
N VAL D 94 -22.40 -1.29 24.35
CA VAL D 94 -21.60 -1.92 25.41
C VAL D 94 -22.34 -1.87 26.75
N THR D 95 -23.05 -0.77 26.97
CA THR D 95 -23.83 -0.61 28.21
C THR D 95 -24.92 -1.64 28.27
N VAL D 96 -25.60 -1.90 27.16
CA VAL D 96 -26.63 -2.90 27.13
C VAL D 96 -26.06 -4.33 27.20
N MET D 97 -24.86 -4.53 26.65
CA MET D 97 -24.20 -5.83 26.82
C MET D 97 -23.87 -6.11 28.29
N ASP D 98 -23.30 -5.11 28.95
CA ASP D 98 -23.06 -5.21 30.39
C ASP D 98 -24.31 -5.65 31.15
N GLN D 99 -25.41 -4.96 30.85
CA GLN D 99 -26.64 -5.14 31.58
C GLN D 99 -27.23 -6.52 31.33
N LEU D 100 -27.04 -7.05 30.13
CA LEU D 100 -27.57 -8.36 29.82
C LEU D 100 -26.57 -9.48 30.17
N GLY D 101 -25.37 -9.10 30.60
CA GLY D 101 -24.33 -10.07 30.97
C GLY D 101 -23.63 -10.72 29.78
N ILE D 102 -23.56 -10.01 28.66
CA ILE D 102 -22.86 -10.51 27.47
C ILE D 102 -21.44 -10.00 27.54
N LYS D 103 -20.49 -10.92 27.66
CA LYS D 103 -19.10 -10.52 27.85
C LYS D 103 -18.40 -10.26 26.52
N THR D 104 -18.59 -11.20 25.61
CA THR D 104 -18.01 -11.08 24.24
C THR D 104 -19.04 -11.57 23.24
N ALA D 105 -18.97 -11.01 22.03
CA ALA D 105 -19.95 -11.36 21.03
C ALA D 105 -19.37 -11.22 19.63
N SER D 106 -19.92 -12.03 18.74
CA SER D 106 -19.82 -11.87 17.30
C SER D 106 -20.95 -10.90 16.87
N VAL D 107 -20.55 -9.79 16.27
CA VAL D 107 -21.45 -8.65 16.08
C VAL D 107 -21.60 -8.37 14.57
N TRP D 108 -22.85 -8.43 14.09
CA TRP D 108 -23.28 -8.05 12.74
C TRP D 108 -23.86 -6.63 12.77
N GLY D 109 -23.65 -5.87 11.71
CA GLY D 109 -24.38 -4.62 11.54
C GLY D 109 -24.26 -4.07 10.14
N CYS D 110 -25.38 -3.53 9.63
CA CYS D 110 -25.44 -2.85 8.34
C CYS D 110 -25.55 -1.33 8.53
N SER D 111 -24.95 -0.56 7.63
CA SER D 111 -25.12 0.88 7.58
C SER D 111 -24.61 1.51 8.88
N SER D 112 -25.41 2.31 9.58
CA SER D 112 -24.97 2.79 10.89
C SER D 112 -24.68 1.66 11.88
N GLY D 113 -25.33 0.52 11.68
CA GLY D 113 -25.03 -0.69 12.41
C GLY D 113 -23.60 -1.17 12.13
N ALA D 114 -23.16 -1.03 10.88
CA ALA D 114 -21.76 -1.31 10.53
C ALA D 114 -20.79 -0.31 11.14
N SER D 115 -21.14 0.96 11.07
CA SER D 115 -20.36 1.99 11.75
C SER D 115 -20.15 1.60 13.21
N THR D 116 -21.21 1.10 13.83
CA THR D 116 -21.19 0.64 15.21
C THR D 116 -20.29 -0.58 15.43
N VAL D 117 -20.40 -1.55 14.55
CA VAL D 117 -19.48 -2.70 14.54
C VAL D 117 -18.02 -2.22 14.52
N LEU D 118 -17.67 -1.31 13.62
CA LEU D 118 -16.28 -0.90 13.50
C LEU D 118 -15.86 -0.15 14.76
N ALA D 119 -16.78 0.62 15.35
CA ALA D 119 -16.45 1.36 16.57
C ALA D 119 -16.29 0.42 17.77
N LEU D 120 -17.01 -0.69 17.76
CA LEU D 120 -16.86 -1.71 18.81
C LEU D 120 -15.50 -2.40 18.61
N CYS D 121 -15.15 -2.66 17.35
CA CYS D 121 -13.92 -3.42 17.06
C CYS D 121 -12.73 -2.64 17.48
N SER D 122 -12.80 -1.33 17.27
CA SER D 122 -11.71 -0.45 17.53
C SER D 122 -11.64 0.00 19.01
N GLY D 123 -12.79 0.37 19.57
CA GLY D 123 -12.84 0.91 20.94
C GLY D 123 -13.10 -0.07 22.05
N PHE D 124 -13.63 -1.23 21.73
CA PHE D 124 -14.01 -2.24 22.71
C PHE D 124 -13.66 -3.62 22.20
N PRO D 125 -12.38 -3.82 21.83
CA PRO D 125 -11.99 -5.08 21.25
C PRO D 125 -12.22 -6.26 22.19
N GLU D 126 -12.05 -5.99 23.48
CA GLU D 126 -12.24 -7.00 24.52
C GLU D 126 -13.65 -7.58 24.52
N ARG D 127 -14.61 -6.84 23.95
CA ARG D 127 -15.99 -7.31 23.87
C ARG D 127 -16.41 -7.95 22.55
N VAL D 128 -15.50 -7.94 21.58
CA VAL D 128 -15.81 -8.42 20.24
C VAL D 128 -14.92 -9.63 19.90
N ARG D 129 -15.57 -10.77 19.69
CA ARG D 129 -14.93 -11.98 19.21
C ARG D 129 -14.58 -11.77 17.73
N ASN D 130 -15.52 -11.23 16.97
CA ASN D 130 -15.30 -10.93 15.56
C ASN D 130 -16.40 -9.95 15.08
N GLY D 131 -16.04 -9.03 14.18
CA GLY D 131 -16.99 -8.05 13.65
C GLY D 131 -17.39 -8.37 12.22
N MET D 132 -18.69 -8.25 11.92
CA MET D 132 -19.23 -8.43 10.59
C MET D 132 -19.94 -7.14 10.11
N PRO D 133 -19.17 -6.16 9.61
CA PRO D 133 -19.76 -4.95 9.02
C PRO D 133 -20.25 -5.16 7.61
N HIS D 134 -21.41 -4.56 7.30
CA HIS D 134 -22.00 -4.60 5.96
C HIS D 134 -22.31 -3.18 5.57
N GLU D 135 -21.80 -2.77 4.41
CA GLU D 135 -22.15 -1.48 3.84
C GLU D 135 -22.04 -0.36 4.89
N VAL D 136 -20.79 -0.09 5.23
CA VAL D 136 -20.41 1.03 6.05
C VAL D 136 -20.57 2.34 5.30
N PRO D 137 -21.36 3.30 5.83
CA PRO D 137 -21.42 4.61 5.21
C PRO D 137 -20.11 5.36 5.37
N THR D 138 -19.61 5.86 4.26
CA THR D 138 -18.28 6.40 4.27
C THR D 138 -18.29 7.82 3.64
N ALA D 139 -19.32 8.15 2.88
CA ALA D 139 -19.46 9.49 2.33
C ALA D 139 -20.88 10.00 2.60
N ASN D 140 -21.06 11.31 2.61
CA ASN D 140 -22.39 11.86 2.85
C ASN D 140 -23.20 11.75 1.57
N PRO D 141 -24.38 11.10 1.64
CA PRO D 141 -25.01 10.65 0.39
C PRO D 141 -25.42 11.78 -0.57
N GLU D 142 -25.43 11.45 -1.86
CA GLU D 142 -25.66 12.43 -2.94
C GLU D 142 -27.04 13.06 -2.80
N ASN D 143 -28.06 12.24 -3.01
CA ASN D 143 -29.44 12.70 -3.10
C ASN D 143 -30.18 12.60 -1.76
N LEU D 144 -29.43 12.59 -0.66
CA LEU D 144 -29.99 12.90 0.66
C LEU D 144 -29.24 14.07 1.31
N GLN D 145 -28.64 14.91 0.48
CA GLN D 145 -27.91 16.08 0.96
C GLN D 145 -28.79 16.94 1.86
N ASN D 146 -30.06 17.07 1.50
CA ASN D 146 -30.94 18.04 2.13
C ASN D 146 -32.08 17.41 2.94
N ILE D 147 -32.09 16.08 3.07
CA ILE D 147 -33.31 15.34 3.46
C ILE D 147 -33.81 15.79 4.83
N HIS D 148 -32.87 16.17 5.69
CA HIS D 148 -33.14 16.79 6.99
C HIS D 148 -33.96 18.08 6.96
N ASP D 149 -34.07 18.74 5.80
CA ASP D 149 -34.74 20.03 5.73
C ASP D 149 -36.20 19.94 5.28
N ALA D 150 -36.58 18.81 4.67
CA ALA D 150 -37.96 18.64 4.20
C ALA D 150 -38.88 18.43 5.38
N ASP D 151 -40.18 18.53 5.16
CA ASP D 151 -41.12 18.36 6.25
C ASP D 151 -41.31 16.86 6.51
N PRO D 152 -41.63 16.51 7.77
CA PRO D 152 -41.66 15.11 8.19
C PRO D 152 -42.42 14.19 7.25
N ALA D 153 -43.61 14.59 6.82
CA ALA D 153 -44.40 13.75 5.94
C ALA D 153 -43.65 13.39 4.66
N THR D 154 -42.92 14.36 4.12
CA THR D 154 -42.19 14.16 2.86
C THR D 154 -40.97 13.25 3.10
N ILE D 155 -40.30 13.48 4.22
CA ILE D 155 -39.18 12.62 4.63
C ILE D 155 -39.64 11.16 4.73
N SER D 156 -40.71 10.92 5.46
CA SER D 156 -41.22 9.56 5.60
C SER D 156 -41.55 8.91 4.25
N ARG D 157 -42.16 9.68 3.35
CA ARG D 157 -42.57 9.17 2.03
C ARG D 157 -41.34 8.83 1.18
N ASP D 158 -40.39 9.75 1.15
CA ASP D 158 -39.23 9.64 0.27
C ASP D 158 -38.30 8.54 0.78
N MET D 159 -38.07 8.51 2.10
CA MET D 159 -37.17 7.51 2.67
C MET D 159 -37.77 6.14 2.65
N ALA D 160 -39.10 6.03 2.62
CA ALA D 160 -39.71 4.73 2.54
C ALA D 160 -39.46 4.19 1.14
N ALA D 161 -39.48 5.07 0.16
CA ALA D 161 -39.26 4.63 -1.22
C ALA D 161 -37.81 4.24 -1.43
N VAL D 162 -36.91 5.07 -0.92
CA VAL D 162 -35.45 4.79 -0.94
C VAL D 162 -35.14 3.45 -0.31
N SER D 163 -35.65 3.21 0.90
CA SER D 163 -35.41 1.94 1.58
C SER D 163 -35.95 0.73 0.87
N ARG D 164 -37.18 0.83 0.36
CA ARG D 164 -37.73 -0.22 -0.44
C ARG D 164 -36.85 -0.58 -1.66
N ALA D 165 -36.36 0.46 -2.32
CA ALA D 165 -35.49 0.31 -3.47
C ALA D 165 -34.19 -0.39 -3.10
N MET D 166 -33.64 -0.05 -1.94
CA MET D 166 -32.41 -0.66 -1.46
C MET D 166 -32.58 -2.08 -0.90
N SER D 167 -33.81 -2.58 -0.84
CA SER D 167 -34.06 -3.90 -0.31
C SER D 167 -33.70 -4.99 -1.31
N ALA D 168 -33.70 -4.68 -2.60
CA ALA D 168 -33.51 -5.69 -3.66
C ALA D 168 -34.51 -6.84 -3.60
N ASN D 169 -35.55 -6.72 -2.80
CA ASN D 169 -36.62 -7.73 -2.80
C ASN D 169 -37.87 -7.10 -2.26
N GLU D 170 -38.55 -6.37 -3.14
CA GLU D 170 -39.65 -5.47 -2.79
C GLU D 170 -40.79 -6.27 -2.17
N GLU D 171 -40.94 -7.51 -2.59
CA GLU D 171 -41.96 -8.39 -2.04
C GLU D 171 -41.65 -8.73 -0.58
N ALA D 172 -40.40 -9.11 -0.32
CA ALA D 172 -39.97 -9.43 1.03
C ALA D 172 -40.01 -8.21 1.95
N TRP D 173 -39.73 -7.04 1.39
CA TRP D 173 -39.78 -5.79 2.15
C TRP D 173 -41.23 -5.50 2.56
N ASP D 174 -42.11 -5.53 1.57
CA ASP D 174 -43.51 -5.23 1.82
C ASP D 174 -44.04 -6.19 2.85
N ALA D 175 -43.64 -7.45 2.73
CA ALA D 175 -44.07 -8.51 3.61
C ALA D 175 -43.62 -8.37 5.05
N LEU D 176 -42.75 -7.42 5.37
CA LEU D 176 -42.39 -7.23 6.76
C LEU D 176 -43.68 -6.92 7.54
N GLY D 177 -44.60 -6.28 6.83
CA GLY D 177 -45.99 -6.19 7.25
C GLY D 177 -46.31 -4.83 7.83
N PRO D 178 -47.60 -4.58 8.06
CA PRO D 178 -48.05 -3.21 8.32
C PRO D 178 -47.56 -2.66 9.66
N GLU D 179 -47.40 -3.52 10.66
CA GLU D 179 -46.95 -3.07 11.98
C GLU D 179 -45.54 -2.50 11.86
N VAL D 180 -44.65 -3.25 11.21
CA VAL D 180 -43.27 -2.77 10.96
C VAL D 180 -43.30 -1.46 10.18
N HIS D 181 -44.01 -1.42 9.06
CA HIS D 181 -43.96 -0.22 8.26
C HIS D 181 -44.55 1.00 8.92
N GLU D 182 -45.50 0.79 9.85
CA GLU D 182 -46.03 1.91 10.63
C GLU D 182 -44.94 2.44 11.60
N ARG D 183 -44.18 1.55 12.23
CA ARG D 183 -43.04 1.99 13.09
C ARG D 183 -41.98 2.73 12.29
N LEU D 184 -41.68 2.24 11.09
CA LEU D 184 -40.64 2.85 10.26
C LEU D 184 -41.01 4.26 9.87
N ARG D 185 -42.30 4.51 9.68
CA ARG D 185 -42.75 5.84 9.32
C ARG D 185 -42.11 6.93 10.18
N ASP D 186 -42.22 6.83 11.50
CA ASP D 186 -41.62 7.84 12.37
C ASP D 186 -40.08 7.75 12.37
N ASN D 187 -39.58 6.53 12.26
CA ASN D 187 -38.13 6.32 12.37
C ASN D 187 -37.43 7.11 11.24
N TYR D 188 -38.06 7.16 10.06
CA TYR D 188 -37.45 7.84 8.91
C TYR D 188 -37.10 9.27 9.25
N VAL D 189 -37.98 9.94 9.98
CA VAL D 189 -37.77 11.32 10.30
C VAL D 189 -36.63 11.49 11.29
N ARG D 190 -36.66 10.69 12.35
CA ARG D 190 -35.60 10.73 13.32
C ARG D 190 -34.25 10.35 12.69
N TRP D 191 -34.28 9.38 11.79
CA TRP D 191 -33.08 8.93 11.07
C TRP D 191 -32.52 10.10 10.23
N ALA D 192 -33.41 10.76 9.51
CA ALA D 192 -33.02 11.89 8.69
C ALA D 192 -32.36 13.02 9.49
N TYR D 193 -32.93 13.35 10.66
CA TYR D 193 -32.37 14.41 11.47
C TYR D 193 -31.06 14.05 12.15
N GLY D 194 -30.89 12.77 12.48
CA GLY D 194 -29.81 12.39 13.39
C GLY D 194 -28.65 11.63 12.76
N TYR D 195 -28.82 11.08 11.57
CA TYR D 195 -27.87 10.09 11.05
C TYR D 195 -27.02 10.55 9.84
N PRO D 196 -27.64 10.98 8.74
CA PRO D 196 -26.79 11.04 7.51
C PRO D 196 -25.72 12.13 7.49
N ARG D 197 -25.90 13.16 8.30
CA ARG D 197 -24.89 14.22 8.38
C ARG D 197 -23.70 13.86 9.26
N THR D 198 -23.81 12.88 10.16
CA THR D 198 -22.74 12.60 11.13
C THR D 198 -22.25 11.16 11.13
N ILE D 199 -23.05 10.22 10.65
CA ILE D 199 -22.62 8.81 10.62
C ILE D 199 -21.41 8.58 9.70
N PRO D 200 -21.46 9.11 8.47
CA PRO D 200 -20.36 8.73 7.53
C PRO D 200 -18.99 9.22 8.00
N GLY D 201 -18.97 10.47 8.50
CA GLY D 201 -17.74 11.06 9.04
C GLY D 201 -17.16 10.31 10.22
N SER D 202 -17.98 9.51 10.88
CA SER D 202 -17.59 8.76 12.05
C SER D 202 -16.98 7.39 11.76
N ALA D 203 -16.90 6.99 10.49
CA ALA D 203 -16.53 5.63 10.14
C ALA D 203 -15.15 5.35 10.72
N ALA D 204 -15.01 4.27 11.48
CA ALA D 204 -13.73 3.85 12.10
C ALA D 204 -12.94 2.94 11.14
N THR D 205 -12.48 3.55 10.06
CA THR D 205 -11.91 2.82 8.94
C THR D 205 -10.40 3.01 8.81
N LYS D 206 -9.76 3.52 9.86
CA LYS D 206 -8.30 3.68 9.86
C LYS D 206 -7.61 2.37 10.12
N THR D 207 -6.34 2.30 9.75
CA THR D 207 -5.55 1.12 10.06
C THR D 207 -5.61 0.80 11.57
N GLU D 208 -5.47 1.83 12.38
CA GLU D 208 -5.52 1.67 13.84
C GLU D 208 -6.89 1.25 14.39
N ASP D 209 -7.92 1.20 13.53
CA ASP D 209 -9.28 0.77 13.92
C ASP D 209 -9.58 -0.69 13.61
N LEU D 210 -8.93 -1.23 12.57
CA LEU D 210 -9.44 -2.35 11.85
C LEU D 210 -8.73 -3.67 12.14
N HIS D 211 -7.76 -3.65 13.07
CA HIS D 211 -6.97 -4.85 13.28
C HIS D 211 -6.77 -5.28 14.73
N LYS D 212 -7.71 -4.92 15.61
CA LYS D 212 -7.67 -5.40 17.01
C LYS D 212 -8.38 -6.71 17.23
N VAL D 213 -9.31 -7.04 16.33
CA VAL D 213 -10.06 -8.26 16.35
C VAL D 213 -10.31 -8.64 14.90
N PRO D 214 -10.76 -9.87 14.67
CA PRO D 214 -11.06 -10.29 13.32
C PRO D 214 -12.26 -9.51 12.80
N ILE D 215 -12.17 -9.09 11.56
CA ILE D 215 -13.30 -8.47 10.87
C ILE D 215 -13.52 -9.19 9.55
N ASP D 216 -14.77 -9.53 9.27
CA ASP D 216 -15.18 -9.96 7.94
C ASP D 216 -16.22 -9.00 7.34
N TRP D 217 -15.89 -8.41 6.18
CA TRP D 217 -16.64 -7.27 5.64
C TRP D 217 -17.51 -7.73 4.45
N THR D 218 -18.73 -7.21 4.35
CA THR D 218 -19.58 -7.52 3.19
C THR D 218 -20.22 -6.25 2.59
N VAL D 219 -20.50 -6.32 1.30
CA VAL D 219 -21.39 -5.41 0.61
C VAL D 219 -22.43 -6.23 -0.17
N GLY D 220 -23.47 -5.56 -0.61
CA GLY D 220 -24.54 -6.19 -1.36
C GLY D 220 -24.17 -6.39 -2.81
N ALA D 221 -24.34 -7.64 -3.25
CA ALA D 221 -24.18 -7.99 -4.68
C ALA D 221 -24.97 -7.11 -5.64
N ALA D 222 -26.21 -6.80 -5.28
CA ALA D 222 -27.09 -6.06 -6.18
C ALA D 222 -27.06 -4.55 -6.05
N GLY D 223 -26.32 -4.02 -5.07
CA GLY D 223 -26.19 -2.57 -4.94
C GLY D 223 -25.45 -2.00 -6.13
N PRO D 224 -25.81 -0.81 -6.56
CA PRO D 224 -24.97 -0.16 -7.56
C PRO D 224 -23.54 -0.01 -7.05
N THR D 225 -22.59 -0.31 -7.94
CA THR D 225 -21.17 -0.29 -7.57
C THR D 225 -20.78 0.94 -6.75
N GLN D 226 -21.23 2.13 -7.16
CA GLN D 226 -20.81 3.41 -6.59
C GLN D 226 -21.10 3.48 -5.09
N VAL D 227 -22.18 2.88 -4.66
CA VAL D 227 -22.72 3.25 -3.35
C VAL D 227 -21.78 2.86 -2.20
N PHE D 228 -21.36 1.62 -2.19
CA PHE D 228 -20.39 1.25 -1.18
C PHE D 228 -19.03 0.83 -1.75
N PHE D 229 -18.72 1.33 -2.94
CA PHE D 229 -17.43 1.10 -3.59
C PHE D 229 -16.23 1.26 -2.65
N GLU D 230 -16.24 2.33 -1.87
CA GLU D 230 -15.10 2.60 -0.98
C GLU D 230 -14.94 1.55 0.11
N ASN D 231 -16.01 0.85 0.49
CA ASN D 231 -15.90 -0.31 1.39
C ASN D 231 -14.97 -1.37 0.78
N VAL D 232 -15.12 -1.64 -0.51
CA VAL D 232 -14.32 -2.70 -1.14
C VAL D 232 -12.84 -2.28 -1.20
N VAL D 233 -12.60 -1.00 -1.49
CA VAL D 233 -11.27 -0.41 -1.52
C VAL D 233 -10.61 -0.47 -0.13
N ILE D 234 -11.33 -0.01 0.90
CA ILE D 234 -10.77 0.01 2.24
C ILE D 234 -10.44 -1.39 2.73
N ALA D 235 -11.38 -2.31 2.58
CA ALA D 235 -11.15 -3.64 3.06
C ALA D 235 -9.95 -4.26 2.34
N THR D 236 -9.92 -4.06 1.03
CA THR D 236 -8.87 -4.71 0.26
C THR D 236 -7.51 -4.12 0.68
N ARG D 237 -7.45 -2.80 0.78
CA ARG D 237 -6.22 -2.11 1.17
C ARG D 237 -5.70 -2.63 2.49
N GLU D 238 -6.60 -2.93 3.40
CA GLU D 238 -6.26 -3.27 4.78
C GLU D 238 -6.17 -4.77 4.96
N SER D 239 -6.24 -5.51 3.85
CA SER D 239 -6.30 -6.98 3.86
C SER D 239 -7.33 -7.57 4.80
N ILE D 240 -8.52 -6.98 4.79
CA ILE D 240 -9.65 -7.56 5.49
C ILE D 240 -10.50 -8.34 4.50
N PRO D 241 -10.85 -9.56 4.85
CA PRO D 241 -11.74 -10.37 4.01
C PRO D 241 -13.01 -9.59 3.61
N ILE D 242 -13.32 -9.57 2.33
CA ILE D 242 -14.45 -8.79 1.81
C ILE D 242 -15.15 -9.60 0.74
N LYS D 243 -16.45 -9.78 0.85
CA LYS D 243 -17.18 -10.47 -0.19
C LYS D 243 -18.56 -9.85 -0.33
N THR D 244 -19.27 -10.26 -1.36
CA THR D 244 -20.66 -9.86 -1.55
C THR D 244 -21.60 -10.85 -0.89
N LEU D 245 -22.73 -10.32 -0.38
CA LEU D 245 -23.91 -11.10 -0.06
C LEU D 245 -25.00 -10.82 -1.07
N PRO D 246 -25.87 -11.80 -1.29
CA PRO D 246 -27.04 -11.58 -2.12
C PRO D 246 -27.84 -10.39 -1.65
N GLY D 247 -28.49 -9.72 -2.58
CA GLY D 247 -29.33 -8.59 -2.26
C GLY D 247 -28.49 -7.33 -2.12
N PHE D 248 -28.98 -6.38 -1.34
CA PHE D 248 -28.35 -5.08 -1.28
C PHE D 248 -28.27 -4.72 0.20
N HIS D 249 -29.11 -3.80 0.65
CA HIS D 249 -28.89 -3.12 1.94
C HIS D 249 -29.56 -3.84 3.11
N PHE D 250 -30.45 -4.80 2.80
CA PHE D 250 -31.15 -5.51 3.87
C PHE D 250 -31.10 -7.03 3.68
N PRO D 251 -29.90 -7.63 3.68
CA PRO D 251 -29.79 -9.06 3.32
C PRO D 251 -30.60 -9.95 4.25
N TYR D 252 -30.73 -9.52 5.50
CA TYR D 252 -31.53 -10.27 6.48
C TYR D 252 -33.02 -10.31 6.12
N VAL D 253 -33.48 -9.35 5.34
CA VAL D 253 -34.84 -9.32 4.85
C VAL D 253 -34.96 -9.97 3.47
N SER D 254 -34.09 -9.58 2.54
CA SER D 254 -34.19 -10.08 1.15
C SER D 254 -33.72 -11.52 1.02
N HIS D 255 -32.77 -11.96 1.82
CA HIS D 255 -32.18 -13.29 1.67
C HIS D 255 -31.85 -13.90 3.03
N PRO D 256 -32.88 -14.20 3.83
CA PRO D 256 -32.76 -14.60 5.23
C PRO D 256 -31.83 -15.78 5.46
N GLU D 257 -31.94 -16.78 4.60
CA GLU D 257 -31.19 -18.03 4.79
C GLU D 257 -29.71 -17.85 4.49
N ALA D 258 -29.43 -17.18 3.38
CA ALA D 258 -28.06 -16.88 3.00
C ALA D 258 -27.42 -16.02 4.06
N PHE D 259 -28.18 -15.03 4.52
CA PHE D 259 -27.73 -14.15 5.60
C PHE D 259 -27.34 -14.98 6.82
N ALA D 260 -28.26 -15.82 7.28
CA ALA D 260 -28.03 -16.62 8.48
C ALA D 260 -26.84 -17.55 8.34
N LYS D 261 -26.71 -18.14 7.13
CA LYS D 261 -25.58 -19.00 6.81
C LYS D 261 -24.25 -18.26 6.92
N TYR D 262 -24.21 -17.07 6.32
CA TYR D 262 -23.04 -16.23 6.41
C TYR D 262 -22.66 -15.95 7.85
N VAL D 263 -23.65 -15.56 8.65
CA VAL D 263 -23.35 -15.22 10.03
C VAL D 263 -22.87 -16.46 10.80
N VAL D 264 -23.49 -17.61 10.60
CA VAL D 264 -23.07 -18.76 11.41
C VAL D 264 -21.73 -19.31 10.96
N GLU D 265 -21.47 -19.34 9.65
CA GLU D 265 -20.23 -19.92 9.20
C GLU D 265 -19.06 -18.97 9.42
N THR D 266 -19.30 -17.66 9.34
CA THR D 266 -18.27 -16.71 9.73
C THR D 266 -17.92 -16.76 11.22
N THR D 267 -18.95 -16.79 12.06
CA THR D 267 -18.75 -16.81 13.51
C THR D 267 -17.99 -18.10 13.91
N ARG D 268 -18.37 -19.21 13.27
CA ARG D 268 -17.69 -20.48 13.49
C ARG D 268 -16.19 -20.46 13.21
N LYS D 269 -15.76 -19.63 12.26
CA LYS D 269 -14.34 -19.49 11.98
C LYS D 269 -13.51 -19.22 13.23
N TYR D 270 -14.13 -18.66 14.27
CA TYR D 270 -13.36 -18.07 15.36
C TYR D 270 -13.73 -18.72 16.70
N LEU D 271 -14.56 -19.76 16.65
CA LEU D 271 -14.91 -20.52 17.84
C LEU D 271 -13.82 -21.56 18.12
#